data_7QOT
#
_entry.id   7QOT
#
_cell.length_a   87.319
_cell.length_b   87.319
_cell.length_c   629.548
_cell.angle_alpha   90.000
_cell.angle_beta   90.000
_cell.angle_gamma   120.000
#
_symmetry.space_group_name_H-M   'P 61 2 2'
#
loop_
_entity.id
_entity.type
_entity.pdbx_description
1 polymer 'Coagulation factor XIa heavy chain'
2 polymer 'Kininogen-1 light chain'
3 non-polymer 2-acetamido-2-deoxy-beta-D-glucopyranose
4 non-polymer 'SULFATE ION'
#
loop_
_entity_poly.entity_id
_entity_poly.type
_entity_poly.pdbx_seq_one_letter_code
_entity_poly.pdbx_strand_id
1 'polypeptide(L)'
;ECVTQLLKDTCFEGGDITTVFTPSAKYCQVVCTYHPRCLLFTFTAESPSEDPTRWFTCVLKDSVTETLPRVNRTAAISGY
SFKQCSHQISACNKDIYVDLDMKGINYNSSVAKSAQECQERCTDDVHCHFFTYATRQFPSLEHRNICLLKHTQTGTPTRI
TKLDKVVSGFSLKSCALSNLACIRDIFPNTVFADSNIDSVMAPDAFVCGRICTHHPGCLFFTFFSQEWPKESQRNLCLLK
TSESGLPSTRIKKSKALSGFSLQSCRHSIPVFCHSSFYHDTDFLGEELDIVAAKSHEACQKLCTNAVRCQFFTYTPAQAS
CNEGKGKCYLKLSSNGSPTKILHGRGGISGYTLRLCKM
;
A,B
2 'polypeptide(L)' SDDDWIPDIQIDPNGLSFNPISDFPDTTSPK C,D
#
loop_
_chem_comp.id
_chem_comp.type
_chem_comp.name
_chem_comp.formula
NAG D-saccharide, beta linking 2-acetamido-2-deoxy-beta-D-glucopyranose 'C8 H15 N O6'
SO4 non-polymer 'SULFATE ION' 'O4 S -2'
#
# COMPACT_ATOMS: atom_id res chain seq x y z
N CYS A 2 24.39 15.58 8.89
CA CYS A 2 23.38 14.54 9.10
C CYS A 2 23.80 13.59 10.20
N VAL A 3 22.88 12.76 10.65
CA VAL A 3 23.09 11.90 11.81
C VAL A 3 23.53 10.52 11.32
N THR A 4 24.73 10.13 11.72
CA THR A 4 25.24 8.78 11.50
C THR A 4 25.35 7.99 12.79
N GLN A 5 25.35 8.66 13.94
CA GLN A 5 25.49 8.01 15.23
C GLN A 5 24.12 7.51 15.71
N LEU A 6 24.11 6.33 16.29
CA LEU A 6 22.86 5.69 16.66
C LEU A 6 22.34 6.24 17.98
N LEU A 7 21.04 6.06 18.20
CA LEU A 7 20.35 6.60 19.36
C LEU A 7 20.10 5.45 20.33
N LYS A 8 20.87 5.41 21.42
CA LYS A 8 20.81 4.29 22.35
C LYS A 8 19.53 4.33 23.18
N ASP A 9 18.99 3.15 23.44
CA ASP A 9 17.73 2.97 24.17
C ASP A 9 16.65 3.94 23.69
N THR A 10 16.47 3.98 22.36
CA THR A 10 15.53 4.88 21.71
C THR A 10 14.64 4.08 20.76
N CYS A 11 13.34 4.34 20.81
CA CYS A 11 12.38 3.65 19.94
C CYS A 11 11.50 4.67 19.22
N PHE A 12 11.62 4.71 17.90
CA PHE A 12 10.71 5.49 17.05
C PHE A 12 9.35 4.80 17.01
N GLU A 13 8.29 5.58 16.76
CA GLU A 13 6.94 5.04 16.99
C GLU A 13 6.10 4.49 15.85
N GLY A 14 5.58 5.30 14.93
CA GLY A 14 4.63 4.72 14.00
C GLY A 14 4.85 4.78 12.50
N GLY A 15 6.08 4.62 12.04
CA GLY A 15 6.36 4.72 10.61
C GLY A 15 6.49 3.39 9.88
N ASP A 16 5.95 2.31 10.45
CA ASP A 16 6.28 0.97 9.99
C ASP A 16 5.95 0.74 8.51
N ILE A 17 7.00 0.57 7.69
CA ILE A 17 6.83 0.21 6.29
C ILE A 17 6.78 -1.30 6.24
N THR A 18 7.88 -1.93 6.66
CA THR A 18 8.00 -3.38 6.80
C THR A 18 9.03 -3.66 7.88
N THR A 19 9.04 -4.88 8.37
CA THR A 19 9.99 -5.32 9.41
C THR A 19 10.84 -6.46 8.88
N VAL A 20 12.16 -6.28 8.91
CA VAL A 20 13.10 -7.32 8.52
C VAL A 20 14.12 -7.48 9.65
N PHE A 21 14.90 -8.56 9.55
CA PHE A 21 15.78 -8.99 10.63
C PHE A 21 17.21 -8.81 10.16
N THR A 22 17.98 -7.99 10.88
CA THR A 22 19.39 -7.80 10.56
C THR A 22 20.24 -8.14 11.78
N PRO A 23 21.50 -8.53 11.56
CA PRO A 23 22.37 -8.86 12.72
C PRO A 23 22.50 -7.74 13.73
N SER A 24 22.83 -6.52 13.28
CA SER A 24 23.09 -5.41 14.18
C SER A 24 22.24 -4.22 13.74
N ALA A 25 22.26 -3.17 14.57
CA ALA A 25 21.56 -1.94 14.19
C ALA A 25 22.26 -1.20 13.08
N LYS A 26 23.59 -1.26 13.03
CA LYS A 26 24.32 -0.63 11.93
C LYS A 26 23.92 -1.23 10.59
N TYR A 27 23.73 -2.55 10.53
CA TYR A 27 23.24 -3.16 9.29
C TYR A 27 21.79 -2.78 9.04
N CYS A 28 20.98 -2.71 10.11
CA CYS A 28 19.63 -2.17 9.99
C CYS A 28 19.62 -0.81 9.33
N GLN A 29 20.58 0.04 9.68
CA GLN A 29 20.74 1.33 9.02
C GLN A 29 21.01 1.15 7.54
N VAL A 30 21.97 0.29 7.20
CA VAL A 30 22.33 0.07 5.80
C VAL A 30 21.11 -0.38 5.00
N VAL A 31 20.36 -1.35 5.54
CA VAL A 31 19.13 -1.78 4.87
C VAL A 31 18.17 -0.61 4.71
N CYS A 32 18.01 0.19 5.76
CA CYS A 32 17.19 1.39 5.66
C CYS A 32 17.70 2.32 4.57
N THR A 33 19.01 2.57 4.56
CA THR A 33 19.60 3.51 3.61
C THR A 33 19.22 3.18 2.17
N TYR A 34 19.27 1.89 1.83
CA TYR A 34 19.04 1.47 0.45
C TYR A 34 17.58 1.14 0.18
N HIS A 35 16.72 1.21 1.18
CA HIS A 35 15.32 0.97 0.94
C HIS A 35 14.71 2.21 0.29
N PRO A 36 13.89 2.03 -0.76
CA PRO A 36 13.37 3.19 -1.49
C PRO A 36 12.65 4.22 -0.62
N ARG A 37 12.05 3.80 0.49
CA ARG A 37 11.23 4.68 1.30
C ARG A 37 11.69 4.86 2.73
N CYS A 38 12.63 4.04 3.22
CA CYS A 38 13.00 4.10 4.62
C CYS A 38 13.72 5.40 4.94
N LEU A 39 13.27 6.08 5.98
CA LEU A 39 13.92 7.25 6.52
C LEU A 39 14.47 7.02 7.92
N LEU A 40 13.96 6.03 8.62
CA LEU A 40 14.20 5.83 10.05
C LEU A 40 14.07 4.36 10.37
N PHE A 41 14.67 3.97 11.49
CA PHE A 41 14.63 2.57 11.89
C PHE A 41 14.74 2.49 13.40
N THR A 42 14.23 1.39 13.94
CA THR A 42 14.33 1.08 15.36
C THR A 42 14.71 -0.39 15.45
N PHE A 43 15.90 -0.65 15.97
CA PHE A 43 16.45 -1.99 16.01
C PHE A 43 16.31 -2.50 17.44
N THR A 44 16.05 -3.78 17.59
CA THR A 44 15.80 -4.37 18.91
C THR A 44 16.93 -5.33 19.22
N ALA A 45 17.86 -4.89 20.05
CA ALA A 45 18.98 -5.72 20.43
C ALA A 45 18.56 -6.76 21.46
N GLU A 46 19.40 -7.79 21.61
CA GLU A 46 19.12 -8.89 22.52
C GLU A 46 19.23 -8.42 23.96
N SER A 47 18.16 -8.61 24.74
CA SER A 47 18.17 -8.22 26.14
C SER A 47 17.12 -9.04 26.88
N PRO A 48 17.32 -9.27 28.18
CA PRO A 48 16.33 -10.06 28.94
C PRO A 48 14.98 -9.37 29.07
N SER A 49 14.93 -8.04 28.90
CA SER A 49 13.67 -7.31 28.93
C SER A 49 12.77 -7.63 27.74
N GLU A 50 13.30 -8.24 26.69
CA GLU A 50 12.53 -8.58 25.51
C GLU A 50 12.57 -10.09 25.24
N ASP A 51 11.47 -10.59 24.69
CA ASP A 51 11.36 -12.04 24.37
C ASP A 51 12.26 -12.35 23.17
N PRO A 52 12.98 -13.50 23.18
CA PRO A 52 13.93 -13.82 22.09
C PRO A 52 13.38 -13.63 20.68
N THR A 53 12.09 -13.88 20.45
CA THR A 53 11.52 -13.72 19.12
C THR A 53 11.61 -12.28 18.64
N ARG A 54 11.65 -11.32 19.57
CA ARG A 54 11.67 -9.90 19.24
C ARG A 54 13.10 -9.39 19.05
N TRP A 55 14.09 -10.27 19.04
CA TRP A 55 15.47 -9.87 18.92
C TRP A 55 15.84 -9.70 17.45
N PHE A 56 16.75 -8.76 17.19
CA PHE A 56 17.21 -8.45 15.84
C PHE A 56 16.07 -7.95 14.96
N THR A 57 14.98 -7.52 15.57
CA THR A 57 13.92 -6.86 14.81
C THR A 57 14.43 -5.50 14.35
N CYS A 58 14.35 -5.26 13.05
CA CYS A 58 14.83 -4.03 12.42
C CYS A 58 13.67 -3.45 11.65
N VAL A 59 13.06 -2.39 12.18
CA VAL A 59 11.80 -1.88 11.68
C VAL A 59 12.09 -0.66 10.81
N LEU A 60 11.74 -0.75 9.53
CA LEU A 60 11.97 0.31 8.57
C LEU A 60 10.82 1.31 8.62
N LYS A 61 11.15 2.59 8.79
CA LYS A 61 10.13 3.59 9.04
C LYS A 61 10.19 4.75 8.05
N ASP A 62 9.03 5.37 7.86
CA ASP A 62 8.81 6.47 6.94
C ASP A 62 7.84 7.45 7.60
N SER A 63 8.04 8.74 7.33
CA SER A 63 7.21 9.77 7.94
C SER A 63 7.13 10.95 6.99
N VAL A 64 5.93 11.51 6.86
CA VAL A 64 5.76 12.70 6.02
C VAL A 64 6.64 13.83 6.53
N THR A 65 6.78 13.93 7.86
CA THR A 65 7.58 14.95 8.51
C THR A 65 9.07 14.59 8.59
N GLU A 66 9.47 13.48 7.97
CA GLU A 66 10.87 13.01 7.94
C GLU A 66 11.45 12.77 9.33
N THR A 67 10.62 12.69 10.36
CA THR A 67 11.06 12.27 11.69
C THR A 67 9.85 11.76 12.45
N LEU A 68 10.12 11.16 13.59
CA LEU A 68 9.07 10.48 14.35
C LEU A 68 9.29 10.68 15.84
N PRO A 69 8.25 10.46 16.66
CA PRO A 69 8.41 10.58 18.11
C PRO A 69 9.47 9.64 18.65
N ARG A 70 10.35 10.18 19.49
CA ARG A 70 11.34 9.37 20.20
C ARG A 70 10.83 9.07 21.60
N VAL A 71 10.50 7.81 21.85
CA VAL A 71 10.25 7.30 23.19
C VAL A 71 11.46 6.50 23.62
N ASN A 72 11.77 6.55 24.93
CA ASN A 72 12.91 5.80 25.44
C ASN A 72 12.43 4.40 25.82
N ARG A 73 13.27 3.41 25.51
CA ARG A 73 12.89 2.00 25.67
C ARG A 73 14.16 1.17 25.79
N THR A 74 14.11 0.17 26.67
CA THR A 74 15.31 -0.65 26.95
C THR A 74 15.74 -1.47 25.73
N ALA A 75 17.05 -1.54 25.48
CA ALA A 75 17.60 -2.38 24.39
C ALA A 75 16.99 -2.04 23.04
N ALA A 76 16.77 -0.76 22.75
CA ALA A 76 16.28 -0.36 21.43
C ALA A 76 17.26 0.64 20.85
N ILE A 77 17.85 0.31 19.70
CA ILE A 77 18.75 1.22 19.01
C ILE A 77 18.00 1.74 17.78
N SER A 78 17.88 3.06 17.70
CA SER A 78 17.17 3.73 16.62
C SER A 78 18.16 4.60 15.83
N GLY A 79 17.74 5.07 14.67
CA GLY A 79 18.65 5.83 13.85
C GLY A 79 18.02 6.28 12.54
N TYR A 80 18.81 7.06 11.79
CA TYR A 80 18.38 7.72 10.57
C TYR A 80 19.16 7.20 9.38
N SER A 81 18.52 7.24 8.21
CA SER A 81 19.12 6.73 6.99
C SER A 81 20.20 7.69 6.47
N PHE A 82 20.98 7.20 5.52
CA PHE A 82 22.07 7.96 4.94
C PHE A 82 21.69 8.55 3.58
N LYS A 83 20.39 8.67 3.32
CA LYS A 83 19.91 9.11 2.02
C LYS A 83 20.41 10.50 1.67
N GLN A 84 20.45 11.40 2.65
CA GLN A 84 20.87 12.78 2.41
C GLN A 84 22.39 12.93 2.44
N CYS A 85 23.03 12.18 3.34
CA CYS A 85 24.42 12.38 3.72
C CYS A 85 25.41 12.42 2.55
N SER A 86 26.45 13.25 2.71
CA SER A 86 27.50 13.40 1.66
C SER A 86 28.56 12.32 1.85
N HIS A 87 28.77 11.84 3.07
CA HIS A 87 29.63 10.69 3.27
C HIS A 87 28.93 9.43 2.78
N GLN A 88 29.70 8.48 2.29
CA GLN A 88 29.16 7.21 1.82
C GLN A 88 29.59 6.04 2.68
N ILE A 89 28.90 4.92 2.44
CA ILE A 89 29.09 3.64 3.09
C ILE A 89 29.32 2.63 1.96
N SER A 90 29.65 1.40 2.34
CA SER A 90 29.98 0.38 1.34
C SER A 90 28.93 -0.72 1.20
N ALA A 91 28.01 -0.84 2.15
CA ALA A 91 26.95 -1.86 2.16
C ALA A 91 27.52 -3.28 2.16
N CYS A 92 28.83 -3.42 2.31
CA CYS A 92 29.51 -4.72 2.32
C CYS A 92 29.76 -5.16 3.76
N ASN A 93 29.03 -6.21 4.19
CA ASN A 93 29.19 -6.74 5.56
C ASN A 93 30.26 -7.84 5.57
N LYS A 94 31.54 -7.46 5.64
CA LYS A 94 32.61 -8.45 5.71
C LYS A 94 32.70 -9.09 7.08
N ASP A 95 31.83 -8.70 8.02
CA ASP A 95 31.81 -9.25 9.37
C ASP A 95 31.19 -10.64 9.36
N ILE A 96 31.73 -11.54 10.18
CA ILE A 96 31.15 -12.84 10.45
C ILE A 96 30.64 -12.86 11.87
N TYR A 97 29.38 -13.25 12.04
CA TYR A 97 28.67 -13.15 13.30
C TYR A 97 28.67 -14.50 14.02
N VAL A 98 29.14 -14.50 15.26
CA VAL A 98 29.35 -15.73 16.04
C VAL A 98 28.11 -16.05 16.86
N ASP A 99 27.73 -17.33 16.89
CA ASP A 99 26.59 -17.82 17.66
C ASP A 99 25.29 -17.20 17.17
N LEU A 100 25.17 -17.05 15.85
CA LEU A 100 24.04 -16.37 15.24
C LEU A 100 23.53 -17.22 14.09
N ASP A 101 22.28 -17.67 14.16
CA ASP A 101 21.65 -18.37 13.05
C ASP A 101 20.76 -17.39 12.29
N MET A 102 21.22 -16.97 11.11
CA MET A 102 20.42 -16.11 10.24
C MET A 102 19.61 -17.02 9.32
N LYS A 103 18.29 -16.91 9.38
CA LYS A 103 17.44 -17.87 8.68
C LYS A 103 16.84 -17.36 7.39
N GLY A 104 16.79 -18.26 6.41
CA GLY A 104 16.13 -18.04 5.15
C GLY A 104 15.83 -19.38 4.52
N ILE A 105 15.67 -19.37 3.20
CA ILE A 105 15.42 -20.59 2.45
C ILE A 105 16.77 -21.26 2.24
N ASN A 106 17.02 -22.36 2.96
CA ASN A 106 18.25 -23.12 2.79
C ASN A 106 18.13 -23.90 1.49
N TYR A 107 19.04 -23.64 0.56
CA TYR A 107 19.02 -24.33 -0.72
C TYR A 107 20.23 -25.21 -0.98
N ASN A 108 21.34 -24.98 -0.28
CA ASN A 108 22.54 -25.84 -0.44
C ASN A 108 23.00 -26.34 0.93
N SER A 109 23.60 -27.54 0.98
CA SER A 109 24.11 -28.03 2.26
C SER A 109 25.34 -28.90 1.96
N SER A 110 26.52 -28.28 2.01
CA SER A 110 27.79 -28.94 1.76
C SER A 110 28.71 -28.85 2.98
N VAL A 111 29.98 -29.19 2.76
CA VAL A 111 31.01 -29.23 3.79
C VAL A 111 32.08 -28.21 3.42
N ALA A 112 32.75 -27.67 4.45
CA ALA A 112 33.73 -26.62 4.24
C ALA A 112 34.74 -26.66 5.38
N LYS A 113 36.00 -26.37 5.07
CA LYS A 113 37.05 -26.43 6.09
C LYS A 113 36.81 -25.40 7.19
N SER A 114 36.43 -24.18 6.81
CA SER A 114 36.24 -23.10 7.77
C SER A 114 35.03 -22.27 7.33
N ALA A 115 34.71 -21.27 8.16
CA ALA A 115 33.66 -20.33 7.79
C ALA A 115 34.06 -19.55 6.55
N GLN A 116 35.35 -19.25 6.42
CA GLN A 116 35.84 -18.53 5.24
C GLN A 116 35.64 -19.34 3.96
N GLU A 117 35.64 -20.67 4.06
CA GLU A 117 35.31 -21.46 2.88
C GLU A 117 33.81 -21.39 2.60
N CYS A 118 33.00 -21.42 3.66
CA CYS A 118 31.57 -21.21 3.51
C CYS A 118 31.29 -19.83 2.90
N GLN A 119 31.95 -18.79 3.43
CA GLN A 119 31.80 -17.44 2.88
C GLN A 119 32.11 -17.41 1.39
N GLU A 120 33.28 -17.90 1.00
CA GLU A 120 33.65 -17.92 -0.41
C GLU A 120 32.63 -18.66 -1.26
N ARG A 121 31.99 -19.69 -0.71
CA ARG A 121 30.92 -20.37 -1.43
C ARG A 121 29.73 -19.44 -1.62
N CYS A 122 29.28 -18.79 -0.55
CA CYS A 122 28.15 -17.88 -0.63
C CYS A 122 28.45 -16.75 -1.61
N THR A 123 29.63 -16.14 -1.49
CA THR A 123 30.04 -15.07 -2.40
C THR A 123 29.95 -15.52 -3.85
N ASP A 124 30.46 -16.72 -4.15
CA ASP A 124 30.53 -17.21 -5.53
C ASP A 124 29.25 -17.87 -6.02
N ASP A 125 28.24 -18.05 -5.16
CA ASP A 125 27.01 -18.70 -5.59
C ASP A 125 26.00 -17.63 -6.02
N VAL A 126 25.32 -17.91 -7.13
CA VAL A 126 24.45 -16.91 -7.75
C VAL A 126 23.27 -16.57 -6.84
N HIS A 127 22.77 -17.55 -6.10
CA HIS A 127 21.56 -17.35 -5.29
C HIS A 127 21.85 -16.98 -3.85
N CYS A 128 23.09 -17.06 -3.39
CA CYS A 128 23.35 -16.95 -1.96
C CYS A 128 23.26 -15.50 -1.52
N HIS A 129 22.54 -15.27 -0.42
CA HIS A 129 22.55 -13.98 0.26
C HIS A 129 23.35 -14.02 1.55
N PHE A 130 23.17 -15.05 2.37
CA PHE A 130 23.94 -15.21 3.59
C PHE A 130 24.14 -16.69 3.86
N PHE A 131 25.05 -17.00 4.78
CA PHE A 131 25.43 -18.37 5.08
C PHE A 131 25.43 -18.59 6.58
N THR A 132 25.33 -19.86 6.98
CA THR A 132 25.59 -20.29 8.35
C THR A 132 26.50 -21.52 8.30
N TYR A 133 27.56 -21.49 9.10
CA TYR A 133 28.57 -22.54 9.12
C TYR A 133 28.70 -23.10 10.53
N ALA A 134 28.68 -24.43 10.64
CA ALA A 134 28.87 -25.11 11.91
C ALA A 134 30.36 -25.33 12.15
N THR A 135 30.90 -24.75 13.21
CA THR A 135 32.28 -25.02 13.57
C THR A 135 32.45 -26.50 13.86
N ARG A 136 33.70 -26.95 13.94
CA ARG A 136 33.95 -28.37 14.17
C ARG A 136 33.45 -28.83 15.54
N GLN A 137 33.23 -27.90 16.48
CA GLN A 137 32.84 -28.22 17.85
C GLN A 137 31.32 -28.25 18.06
N PHE A 138 30.52 -28.53 17.02
CA PHE A 138 29.06 -28.47 17.10
C PHE A 138 28.51 -29.79 17.62
N PRO A 139 27.53 -29.75 18.55
CA PRO A 139 26.96 -30.97 19.15
C PRO A 139 26.66 -32.11 18.18
N SER A 140 25.96 -31.80 17.09
CA SER A 140 25.53 -32.85 16.16
C SER A 140 26.69 -33.19 15.23
N LEU A 141 27.16 -34.44 15.31
CA LEU A 141 28.19 -34.88 14.40
C LEU A 141 27.66 -34.93 12.97
N GLU A 142 26.34 -35.11 12.82
CA GLU A 142 25.72 -35.00 11.51
C GLU A 142 25.95 -33.63 10.89
N HIS A 143 25.99 -32.58 11.72
CA HIS A 143 26.04 -31.21 11.24
C HIS A 143 27.42 -30.57 11.29
N ARG A 144 28.38 -31.13 12.03
CA ARG A 144 29.73 -30.56 12.11
C ARG A 144 30.27 -30.23 10.72
N ASN A 145 30.75 -28.98 10.57
CA ASN A 145 31.51 -28.55 9.39
C ASN A 145 30.62 -28.49 8.15
N ILE A 146 29.37 -28.11 8.33
CA ILE A 146 28.39 -28.03 7.25
C ILE A 146 28.19 -26.57 6.85
N CYS A 147 27.97 -26.36 5.56
CA CYS A 147 27.80 -25.03 4.96
C CYS A 147 26.41 -24.95 4.33
N LEU A 148 25.55 -24.13 4.94
CA LEU A 148 24.17 -23.94 4.42
C LEU A 148 24.13 -22.64 3.63
N LEU A 149 23.89 -22.71 2.32
CA LEU A 149 23.74 -21.51 1.52
C LEU A 149 22.27 -21.09 1.62
N LYS A 150 22.04 -19.81 1.84
CA LYS A 150 20.70 -19.32 2.12
C LYS A 150 20.36 -18.13 1.25
N HIS A 151 19.08 -18.01 0.89
CA HIS A 151 18.56 -16.83 0.22
C HIS A 151 17.17 -16.54 0.73
N THR A 152 16.79 -15.27 0.66
CA THR A 152 15.46 -14.80 1.04
C THR A 152 14.93 -13.84 -0.02
N GLN A 153 13.63 -13.56 0.07
CA GLN A 153 13.00 -12.61 -0.85
C GLN A 153 13.65 -11.25 -0.78
N THR A 154 13.90 -10.76 0.44
CA THR A 154 14.42 -9.41 0.64
C THR A 154 15.95 -9.35 0.58
N GLY A 155 16.64 -10.48 0.62
CA GLY A 155 18.08 -10.51 0.76
C GLY A 155 18.56 -10.44 2.19
N THR A 156 17.67 -10.23 3.14
CA THR A 156 17.93 -10.20 4.57
C THR A 156 17.26 -11.38 5.25
N PRO A 157 17.75 -11.79 6.42
CA PRO A 157 17.18 -12.98 7.07
C PRO A 157 15.74 -12.78 7.53
N THR A 158 15.01 -13.89 7.57
CA THR A 158 13.60 -13.85 7.99
C THR A 158 13.49 -13.83 9.51
N ARG A 159 14.43 -14.47 10.19
CA ARG A 159 14.46 -14.60 11.64
C ARG A 159 15.89 -14.92 12.02
N ILE A 160 16.44 -14.23 13.02
CA ILE A 160 17.77 -14.54 13.51
C ILE A 160 17.67 -15.02 14.95
N THR A 161 18.28 -16.16 15.24
CA THR A 161 18.31 -16.77 16.57
C THR A 161 19.77 -16.97 16.98
N LYS A 162 19.96 -17.26 18.27
CA LYS A 162 21.31 -17.42 18.83
C LYS A 162 21.55 -18.89 19.06
N LEU A 163 22.55 -19.43 18.37
CA LEU A 163 22.85 -20.86 18.38
C LEU A 163 24.34 -21.04 18.60
N ASP A 164 24.70 -21.73 19.67
CA ASP A 164 26.13 -21.83 20.04
C ASP A 164 26.92 -22.67 19.06
N LYS A 165 28.19 -22.34 18.93
CA LYS A 165 29.12 -23.07 18.07
C LYS A 165 28.77 -22.99 16.59
N VAL A 166 28.07 -21.94 16.15
CA VAL A 166 27.71 -21.79 14.74
C VAL A 166 27.86 -20.32 14.36
N VAL A 167 28.34 -20.07 13.15
CA VAL A 167 28.65 -18.73 12.67
C VAL A 167 27.86 -18.44 11.41
N SER A 168 27.31 -17.23 11.33
CA SER A 168 26.62 -16.74 10.15
C SER A 168 27.38 -15.58 9.53
N GLY A 169 27.15 -15.37 8.23
CA GLY A 169 27.81 -14.30 7.52
C GLY A 169 27.09 -14.00 6.22
N PHE A 170 27.58 -12.98 5.53
CA PHE A 170 26.89 -12.44 4.36
C PHE A 170 27.71 -12.65 3.10
N SER A 171 27.00 -12.78 1.98
CA SER A 171 27.67 -12.84 0.68
C SER A 171 28.46 -11.57 0.43
N LEU A 172 29.64 -11.71 -0.17
CA LEU A 172 30.50 -10.58 -0.48
C LEU A 172 30.50 -10.24 -1.98
N LYS A 173 29.37 -10.45 -2.65
CA LYS A 173 29.25 -9.99 -4.03
C LYS A 173 29.33 -8.47 -4.12
N SER A 174 28.76 -7.78 -3.14
CA SER A 174 28.77 -6.32 -3.11
C SER A 174 30.16 -5.75 -2.86
N CYS A 175 31.12 -6.60 -2.48
CA CYS A 175 32.47 -6.09 -2.13
C CYS A 175 33.35 -6.01 -3.39
N ALA A 176 32.93 -6.66 -4.47
CA ALA A 176 33.74 -6.68 -5.69
C ALA A 176 33.83 -5.28 -6.30
N LEU A 177 34.79 -5.13 -7.22
CA LEU A 177 34.98 -3.88 -7.92
C LEU A 177 34.51 -4.05 -9.35
N SER A 178 35.28 -4.77 -10.17
CA SER A 178 34.83 -5.26 -11.47
C SER A 178 34.15 -4.22 -12.37
N ASN A 179 34.79 -3.08 -12.60
CA ASN A 179 34.21 -2.18 -13.62
C ASN A 179 34.18 -3.01 -14.88
N LEU A 180 32.99 -3.38 -15.28
CA LEU A 180 32.66 -4.23 -16.42
C LEU A 180 31.18 -4.00 -16.68
N ALA A 181 30.66 -4.37 -17.85
CA ALA A 181 29.29 -3.99 -18.16
C ALA A 181 28.33 -4.76 -17.26
N CYS A 182 27.43 -4.02 -16.62
CA CYS A 182 26.48 -4.66 -15.71
C CYS A 182 25.51 -5.54 -16.49
N ILE A 183 25.00 -5.03 -17.61
CA ILE A 183 24.05 -5.77 -18.40
C ILE A 183 24.62 -7.02 -19.07
N ARG A 184 25.95 -7.15 -19.19
CA ARG A 184 26.60 -8.35 -19.75
C ARG A 184 25.86 -8.75 -21.03
N ASP A 185 25.35 -9.98 -21.12
CA ASP A 185 24.67 -10.47 -22.32
C ASP A 185 23.38 -9.70 -22.54
N ILE A 186 23.28 -9.05 -23.70
CA ILE A 186 22.06 -8.36 -24.13
C ILE A 186 21.43 -9.15 -25.26
N PHE A 187 20.15 -9.47 -25.13
CA PHE A 187 19.43 -10.33 -26.08
C PHE A 187 18.37 -9.49 -26.78
N PRO A 188 18.69 -8.86 -27.91
CA PRO A 188 17.71 -7.98 -28.56
C PRO A 188 16.58 -8.78 -29.20
N ASN A 189 15.40 -8.14 -29.26
CA ASN A 189 14.21 -8.74 -29.85
C ASN A 189 13.97 -10.14 -29.29
N THR A 190 14.01 -10.23 -27.97
CA THR A 190 13.84 -11.46 -27.24
C THR A 190 13.08 -11.18 -25.97
N VAL A 191 12.17 -12.08 -25.61
CA VAL A 191 11.54 -12.06 -24.30
C VAL A 191 11.99 -13.32 -23.58
N PHE A 192 12.24 -13.19 -22.29
CA PHE A 192 12.49 -14.37 -21.48
C PHE A 192 11.18 -14.83 -20.87
N ALA A 193 11.19 -16.02 -20.28
CA ALA A 193 9.98 -16.53 -19.68
C ALA A 193 10.33 -17.54 -18.60
N ASP A 194 10.69 -17.01 -17.44
CA ASP A 194 11.03 -17.76 -16.26
C ASP A 194 10.35 -17.01 -15.13
N SER A 195 10.53 -17.49 -13.90
CA SER A 195 9.79 -16.92 -12.78
C SER A 195 9.98 -15.42 -12.72
N ASN A 196 8.86 -14.68 -12.80
CA ASN A 196 8.85 -13.25 -12.62
C ASN A 196 8.72 -12.99 -11.13
N ILE A 197 9.76 -12.40 -10.54
CA ILE A 197 9.77 -12.17 -9.09
C ILE A 197 9.46 -10.73 -8.73
N ASP A 198 9.48 -9.86 -9.73
CA ASP A 198 9.10 -8.44 -9.47
C ASP A 198 8.93 -7.76 -10.81
N SER A 199 8.52 -6.50 -10.75
CA SER A 199 8.33 -5.70 -11.95
C SER A 199 8.35 -4.22 -11.58
N VAL A 200 9.01 -3.42 -12.42
CA VAL A 200 9.10 -1.98 -12.25
C VAL A 200 8.92 -1.37 -13.62
N MET A 201 8.61 -0.08 -13.65
CA MET A 201 8.51 0.66 -14.89
C MET A 201 9.81 1.42 -15.11
N ALA A 202 10.42 1.24 -16.28
CA ALA A 202 11.70 1.84 -16.59
C ALA A 202 11.62 2.65 -17.88
N PRO A 203 12.39 3.74 -17.99
CA PRO A 203 12.34 4.57 -19.21
C PRO A 203 13.05 3.93 -20.39
N ASP A 204 14.20 3.31 -20.15
CA ASP A 204 14.98 2.65 -21.19
C ASP A 204 15.38 1.28 -20.68
N ALA A 205 15.97 0.47 -21.56
CA ALA A 205 16.37 -0.87 -21.17
C ALA A 205 17.61 -0.90 -20.30
N PHE A 206 18.35 0.19 -20.20
CA PHE A 206 19.58 0.15 -19.42
C PHE A 206 19.33 0.54 -17.97
N VAL A 207 18.21 1.20 -17.69
CA VAL A 207 17.75 1.34 -16.32
C VAL A 207 17.24 -0.01 -15.83
N CYS A 208 16.41 -0.68 -16.64
CA CYS A 208 15.96 -2.04 -16.37
C CYS A 208 17.10 -2.94 -15.89
N GLY A 209 18.22 -2.93 -16.62
CA GLY A 209 19.34 -3.77 -16.24
C GLY A 209 19.96 -3.37 -14.92
N ARG A 210 20.18 -2.07 -14.72
CA ARG A 210 20.81 -1.61 -13.49
C ARG A 210 19.94 -1.93 -12.28
N ILE A 211 18.62 -1.95 -12.46
CA ILE A 211 17.74 -2.35 -11.36
C ILE A 211 17.92 -3.83 -11.03
N CYS A 212 17.89 -4.69 -12.05
CA CYS A 212 18.10 -6.11 -11.83
C CYS A 212 19.42 -6.40 -11.12
N THR A 213 20.45 -5.60 -11.41
CA THR A 213 21.76 -5.84 -10.81
C THR A 213 21.72 -5.55 -9.32
N HIS A 214 20.96 -4.54 -8.90
CA HIS A 214 20.86 -4.18 -7.50
C HIS A 214 19.73 -4.91 -6.79
N HIS A 215 18.76 -5.44 -7.54
CA HIS A 215 17.67 -6.17 -6.91
C HIS A 215 18.23 -7.42 -6.25
N PRO A 216 17.81 -7.73 -5.01
CA PRO A 216 18.37 -8.92 -4.35
C PRO A 216 18.24 -10.19 -5.17
N GLY A 217 17.05 -10.51 -5.66
CA GLY A 217 16.81 -11.77 -6.33
C GLY A 217 16.56 -11.77 -7.82
N CYS A 218 17.26 -10.94 -8.59
CA CYS A 218 17.07 -10.92 -10.04
C CYS A 218 18.39 -11.29 -10.70
N LEU A 219 18.33 -12.20 -11.68
CA LEU A 219 19.51 -12.63 -12.42
C LEU A 219 19.44 -12.32 -13.90
N PHE A 220 18.25 -12.25 -14.48
CA PHE A 220 18.06 -11.82 -15.86
C PHE A 220 16.75 -11.03 -15.92
N PHE A 221 16.52 -10.35 -17.04
CA PHE A 221 15.38 -9.44 -17.11
C PHE A 221 14.83 -9.41 -18.54
N THR A 222 13.67 -8.78 -18.67
CA THR A 222 13.05 -8.51 -19.97
C THR A 222 12.39 -7.14 -19.93
N PHE A 223 12.76 -6.29 -20.88
CA PHE A 223 12.24 -4.93 -20.98
C PHE A 223 11.36 -4.81 -22.22
N PHE A 224 10.09 -4.47 -22.02
CA PHE A 224 9.20 -4.15 -23.12
C PHE A 224 9.28 -2.64 -23.40
N SER A 225 9.43 -2.27 -24.68
CA SER A 225 9.70 -0.89 -25.04
C SER A 225 8.41 -0.07 -25.14
N GLN A 226 8.56 1.23 -25.44
CA GLN A 226 7.40 2.10 -25.58
C GLN A 226 6.58 1.78 -26.83
N GLU A 227 7.17 1.08 -27.79
CA GLU A 227 6.49 0.70 -29.01
C GLU A 227 6.02 -0.74 -28.96
N TRP A 228 6.11 -1.37 -27.79
CA TRP A 228 5.58 -2.71 -27.60
C TRP A 228 4.06 -2.70 -27.79
N PRO A 229 3.49 -3.75 -28.40
CA PRO A 229 2.06 -3.76 -28.71
C PRO A 229 1.11 -3.39 -27.56
N LYS A 230 1.04 -4.23 -26.52
CA LYS A 230 0.09 -4.01 -25.44
C LYS A 230 0.48 -2.81 -24.59
N GLU A 231 -0.41 -1.82 -24.49
CA GLU A 231 -0.08 -0.58 -23.80
C GLU A 231 0.25 -0.83 -22.33
N SER A 232 -0.50 -1.71 -21.66
CA SER A 232 -0.24 -1.98 -20.25
C SER A 232 1.18 -2.50 -20.03
N GLN A 233 1.79 -3.08 -21.05
CA GLN A 233 3.09 -3.71 -20.92
C GLN A 233 4.23 -2.82 -21.40
N ARG A 234 3.94 -1.58 -21.81
CA ARG A 234 4.96 -0.70 -22.34
C ARG A 234 5.81 -0.15 -21.19
N ASN A 235 7.14 -0.17 -21.37
CA ASN A 235 8.10 0.22 -20.34
C ASN A 235 8.06 -0.71 -19.13
N LEU A 236 7.65 -1.94 -19.33
CA LEU A 236 7.56 -2.92 -18.25
C LEU A 236 8.88 -3.67 -18.10
N CYS A 237 9.49 -3.57 -16.92
CA CYS A 237 10.77 -4.18 -16.62
C CYS A 237 10.53 -5.41 -15.75
N LEU A 238 10.54 -6.59 -16.38
CA LEU A 238 10.22 -7.83 -15.70
C LEU A 238 11.51 -8.44 -15.15
N LEU A 239 11.63 -8.48 -13.83
CA LEU A 239 12.80 -9.07 -13.17
C LEU A 239 12.54 -10.55 -12.92
N LYS A 240 13.45 -11.40 -13.40
CA LYS A 240 13.22 -12.84 -13.37
C LYS A 240 14.43 -13.56 -12.79
N THR A 241 14.19 -14.79 -12.38
CA THR A 241 15.21 -15.66 -11.82
C THR A 241 14.90 -17.09 -12.24
N SER A 242 15.83 -18.00 -11.95
CA SER A 242 15.63 -19.41 -12.22
C SER A 242 16.52 -20.21 -11.29
N GLU A 243 16.18 -21.49 -11.12
CA GLU A 243 16.99 -22.34 -10.26
C GLU A 243 18.38 -22.55 -10.84
N SER A 244 18.51 -22.60 -12.17
CA SER A 244 19.83 -22.75 -12.78
C SER A 244 20.62 -21.45 -12.69
N GLY A 245 19.94 -20.30 -12.67
CA GLY A 245 20.58 -19.02 -12.83
C GLY A 245 20.61 -18.51 -14.25
N LEU A 246 20.16 -19.31 -15.20
CA LEU A 246 20.14 -19.02 -16.61
C LEU A 246 18.68 -19.03 -17.06
N PRO A 247 18.36 -18.40 -18.19
CA PRO A 247 16.99 -18.46 -18.65
C PRO A 247 16.75 -19.85 -19.21
N SER A 248 15.50 -20.20 -19.42
CA SER A 248 15.16 -21.53 -19.91
C SER A 248 14.97 -21.53 -21.42
N THR A 249 14.24 -20.54 -21.92
CA THR A 249 13.83 -20.52 -23.32
C THR A 249 13.85 -19.06 -23.76
N ARG A 250 14.29 -18.82 -24.99
CA ARG A 250 14.36 -17.48 -25.56
C ARG A 250 13.29 -17.37 -26.64
N ILE A 251 12.24 -16.61 -26.36
CA ILE A 251 11.14 -16.42 -27.31
C ILE A 251 11.39 -15.16 -28.11
N LYS A 252 11.62 -15.33 -29.41
CA LYS A 252 11.94 -14.21 -30.28
C LYS A 252 10.69 -13.40 -30.57
N LYS A 253 10.50 -12.32 -29.81
CA LYS A 253 9.44 -11.37 -30.07
C LYS A 253 10.07 -9.99 -30.19
N SER A 254 9.58 -9.20 -31.12
CA SER A 254 10.17 -7.89 -31.41
C SER A 254 9.62 -6.84 -30.45
N LYS A 255 10.37 -5.76 -30.34
CA LYS A 255 10.04 -4.62 -29.47
C LYS A 255 10.11 -5.00 -28.00
N ALA A 256 11.00 -5.94 -27.69
CA ALA A 256 11.26 -6.36 -26.33
C ALA A 256 12.73 -6.76 -26.23
N LEU A 257 13.41 -6.29 -25.18
CA LEU A 257 14.85 -6.59 -25.04
C LEU A 257 15.09 -7.28 -23.71
N SER A 258 15.79 -8.40 -23.73
CA SER A 258 16.14 -9.17 -22.55
C SER A 258 17.65 -9.11 -22.31
N GLY A 259 18.06 -9.57 -21.13
CA GLY A 259 19.47 -9.47 -20.78
C GLY A 259 19.80 -10.18 -19.49
N PHE A 260 21.09 -10.11 -19.13
CA PHE A 260 21.70 -10.85 -18.03
C PHE A 260 22.29 -9.88 -17.03
N SER A 261 21.91 -9.99 -15.77
CA SER A 261 22.61 -9.19 -14.77
C SER A 261 24.05 -9.66 -14.60
N LEU A 262 24.97 -8.71 -14.50
CA LEU A 262 26.31 -8.97 -14.00
C LEU A 262 26.18 -8.50 -12.56
N GLN A 263 25.95 -9.45 -11.66
CA GLN A 263 25.46 -9.16 -10.32
C GLN A 263 26.39 -8.24 -9.56
N SER A 264 27.70 -8.42 -9.74
CA SER A 264 28.72 -7.61 -9.10
C SER A 264 29.58 -7.00 -10.20
N CYS A 265 29.09 -5.89 -10.76
CA CYS A 265 29.68 -5.28 -11.93
C CYS A 265 30.31 -3.92 -11.65
N ARG A 266 29.53 -2.83 -11.70
CA ARG A 266 29.94 -1.46 -11.41
C ARG A 266 28.80 -0.80 -10.66
N HIS A 267 28.17 -1.51 -9.70
CA HIS A 267 26.83 -1.04 -9.22
C HIS A 267 26.51 -0.78 -7.73
N SER A 268 27.39 -0.04 -7.06
CA SER A 268 27.08 0.40 -5.68
C SER A 268 25.99 1.47 -5.80
N ILE A 269 26.24 2.52 -6.60
CA ILE A 269 25.22 3.61 -6.71
C ILE A 269 25.21 4.32 -8.08
N PRO A 270 25.16 3.65 -9.25
CA PRO A 270 25.01 4.36 -10.53
C PRO A 270 23.53 4.34 -10.97
N VAL A 271 22.75 3.38 -10.54
CA VAL A 271 21.29 3.27 -10.76
C VAL A 271 20.70 4.41 -9.94
N PHE A 272 21.45 4.84 -8.92
CA PHE A 272 21.04 5.97 -8.10
C PHE A 272 21.60 7.26 -8.69
N CYS A 273 22.77 7.17 -9.34
CA CYS A 273 23.28 8.25 -10.17
C CYS A 273 22.76 7.97 -11.57
N HIS A 274 21.49 8.29 -11.77
CA HIS A 274 20.98 8.31 -13.13
C HIS A 274 20.58 9.77 -13.25
N SER A 275 21.55 10.58 -13.68
CA SER A 275 21.38 12.01 -13.82
C SER A 275 20.81 12.36 -15.18
N SER A 276 20.26 11.38 -15.88
CA SER A 276 19.69 11.61 -17.18
C SER A 276 18.34 12.31 -17.06
N PHE A 277 18.06 13.16 -18.03
CA PHE A 277 16.80 13.88 -18.13
C PHE A 277 15.99 13.26 -19.27
N TYR A 278 14.75 12.90 -19.00
CA TYR A 278 13.89 12.25 -19.98
C TYR A 278 12.85 13.26 -20.45
N HIS A 279 13.07 13.79 -21.65
CA HIS A 279 12.19 14.83 -22.19
C HIS A 279 10.98 14.18 -22.83
N ASP A 280 9.86 14.93 -22.88
CA ASP A 280 8.58 14.38 -23.34
C ASP A 280 8.23 13.10 -22.58
N THR A 281 8.61 13.06 -21.30
CA THR A 281 8.48 11.87 -20.47
C THR A 281 7.98 12.27 -19.10
N ASP A 282 6.86 11.70 -18.67
CA ASP A 282 6.29 11.98 -17.35
C ASP A 282 6.39 10.72 -16.48
N PHE A 283 7.24 10.78 -15.46
CA PHE A 283 7.37 9.73 -14.47
C PHE A 283 6.18 9.83 -13.50
N LEU A 284 5.24 8.89 -13.60
CA LEU A 284 4.09 8.95 -12.72
C LEU A 284 4.42 8.36 -11.35
N GLY A 285 3.66 8.80 -10.34
CA GLY A 285 3.88 8.29 -9.00
C GLY A 285 2.88 8.86 -8.02
N GLU A 286 3.26 8.82 -6.75
CA GLU A 286 2.50 9.45 -5.68
C GLU A 286 3.02 10.88 -5.51
N GLU A 287 2.12 11.86 -5.59
CA GLU A 287 2.55 13.24 -5.59
C GLU A 287 2.92 13.67 -4.18
N LEU A 288 4.10 14.26 -4.06
CA LEU A 288 4.68 14.66 -2.79
C LEU A 288 4.62 16.15 -2.54
N ASP A 289 4.56 16.97 -3.60
CA ASP A 289 4.59 18.42 -3.54
C ASP A 289 4.39 18.91 -4.97
N ILE A 290 4.09 20.19 -5.11
CA ILE A 290 4.13 20.85 -6.41
C ILE A 290 4.79 22.21 -6.18
N VAL A 291 6.10 22.25 -6.33
CA VAL A 291 6.84 23.47 -6.17
C VAL A 291 7.04 24.07 -7.56
N ALA A 292 7.45 25.33 -7.61
CA ALA A 292 7.70 25.99 -8.87
C ALA A 292 9.18 26.36 -8.94
N ALA A 293 9.76 26.21 -10.14
CA ALA A 293 11.17 26.50 -10.34
C ALA A 293 11.38 26.84 -11.81
N LYS A 294 12.62 27.16 -12.14
CA LYS A 294 13.02 27.74 -13.41
C LYS A 294 13.36 26.69 -14.46
N SER A 295 14.07 25.64 -14.05
CA SER A 295 14.57 24.63 -14.98
C SER A 295 14.27 23.24 -14.44
N HIS A 296 14.46 22.24 -15.29
CA HIS A 296 14.45 20.88 -14.79
C HIS A 296 15.69 20.61 -13.95
N GLU A 297 16.78 21.30 -14.26
CA GLU A 297 17.97 21.18 -13.42
C GLU A 297 17.72 21.71 -12.01
N ALA A 298 16.76 22.64 -11.86
CA ALA A 298 16.34 23.05 -10.54
C ALA A 298 15.38 22.04 -9.92
N CYS A 299 14.49 21.50 -10.75
CA CYS A 299 13.55 20.45 -10.28
C CYS A 299 14.37 19.32 -9.66
N GLN A 300 15.43 18.88 -10.35
CA GLN A 300 16.29 17.81 -9.83
C GLN A 300 16.82 18.16 -8.45
N LYS A 301 17.39 19.37 -8.31
CA LYS A 301 17.97 19.78 -7.03
C LYS A 301 16.92 19.81 -5.94
N LEU A 302 15.66 20.08 -6.32
CA LEU A 302 14.56 20.03 -5.37
C LEU A 302 14.25 18.60 -4.95
N CYS A 303 14.35 17.65 -5.88
CA CYS A 303 14.12 16.25 -5.55
C CYS A 303 15.26 15.69 -4.72
N THR A 304 16.50 16.03 -5.06
CA THR A 304 17.64 15.57 -4.27
C THR A 304 17.56 16.05 -2.83
N ASN A 305 17.17 17.31 -2.63
CA ASN A 305 17.18 17.88 -1.28
C ASN A 305 15.96 17.43 -0.47
N ALA A 306 14.83 17.21 -1.12
CA ALA A 306 13.69 16.57 -0.46
C ALA A 306 14.00 15.09 -0.28
N VAL A 307 14.23 14.67 0.96
CA VAL A 307 14.72 13.31 1.19
C VAL A 307 13.66 12.28 0.80
N ARG A 308 12.39 12.67 0.85
CA ARG A 308 11.31 11.76 0.50
C ARG A 308 11.07 11.69 -1.01
N CYS A 309 11.79 12.48 -1.80
CA CYS A 309 11.58 12.51 -3.24
C CYS A 309 12.42 11.42 -3.89
N GLN A 310 11.77 10.61 -4.72
CA GLN A 310 12.43 9.54 -5.45
C GLN A 310 12.61 9.87 -6.92
N PHE A 311 11.64 10.53 -7.52
CA PHE A 311 11.75 11.01 -8.89
C PHE A 311 10.90 12.27 -9.04
N PHE A 312 11.06 12.92 -10.19
CA PHE A 312 10.43 14.22 -10.42
C PHE A 312 10.00 14.34 -11.87
N THR A 313 9.04 15.23 -12.11
CA THR A 313 8.67 15.68 -13.45
C THR A 313 8.59 17.20 -13.43
N TYR A 314 9.47 17.84 -14.20
CA TYR A 314 9.38 19.28 -14.43
C TYR A 314 8.52 19.48 -15.67
N THR A 315 7.39 20.19 -15.49
CA THR A 315 6.52 20.55 -16.61
C THR A 315 6.93 21.95 -17.04
N PRO A 316 7.63 22.07 -18.17
CA PRO A 316 8.24 23.34 -18.56
C PRO A 316 7.25 24.35 -19.13
N ALA A 317 7.40 25.61 -18.68
CA ALA A 317 6.38 26.63 -18.93
C ALA A 317 6.61 27.27 -20.30
N GLN A 318 7.86 27.52 -20.63
CA GLN A 318 8.41 27.81 -21.95
C GLN A 318 8.28 29.22 -22.52
N ALA A 319 7.68 30.15 -21.77
CA ALA A 319 7.61 31.58 -22.19
C ALA A 319 7.17 31.80 -23.64
N SER A 320 6.39 30.89 -24.23
CA SER A 320 5.84 31.08 -25.57
C SER A 320 4.79 32.17 -25.35
N CYS A 321 3.85 31.90 -24.47
CA CYS A 321 2.97 32.93 -23.99
C CYS A 321 2.79 32.87 -22.49
N ASN A 322 3.48 31.95 -21.80
CA ASN A 322 3.34 31.70 -20.37
C ASN A 322 4.47 32.39 -19.59
N GLU A 323 4.37 32.32 -18.25
CA GLU A 323 5.42 32.77 -17.34
C GLU A 323 6.68 31.93 -17.56
N GLY A 324 7.82 32.46 -17.15
CA GLY A 324 9.05 31.69 -17.27
C GLY A 324 9.14 30.56 -16.26
N LYS A 325 8.57 30.76 -15.06
CA LYS A 325 8.67 29.70 -14.05
C LYS A 325 7.63 28.62 -14.30
N GLY A 326 8.07 27.36 -14.21
CA GLY A 326 7.19 26.23 -14.42
C GLY A 326 6.96 25.42 -13.16
N LYS A 327 6.36 24.25 -13.28
CA LYS A 327 5.95 23.44 -12.13
C LYS A 327 6.90 22.26 -11.95
N CYS A 328 7.25 21.99 -10.70
CA CYS A 328 8.17 20.93 -10.29
C CYS A 328 7.43 19.94 -9.41
N TYR A 329 6.82 18.94 -10.04
CA TYR A 329 6.15 17.86 -9.33
C TYR A 329 7.20 16.95 -8.69
N LEU A 330 7.26 16.94 -7.37
CA LEU A 330 8.11 16.00 -6.65
C LEU A 330 7.30 14.75 -6.38
N LYS A 331 7.87 13.58 -6.69
CA LYS A 331 7.08 12.36 -6.60
C LYS A 331 7.87 11.26 -5.90
N LEU A 332 7.15 10.14 -5.73
CA LEU A 332 7.56 8.98 -4.96
C LEU A 332 6.69 7.81 -5.36
N SER A 333 7.19 6.61 -5.09
CA SER A 333 6.40 5.39 -5.15
C SER A 333 6.97 4.45 -4.10
N SER A 334 6.56 3.17 -4.17
CA SER A 334 7.04 2.17 -3.19
C SER A 334 8.38 1.59 -3.67
N ASN A 335 8.46 1.18 -4.94
CA ASN A 335 9.67 0.55 -5.46
C ASN A 335 10.81 1.53 -5.68
N GLY A 336 10.54 2.84 -5.67
CA GLY A 336 11.51 3.82 -6.09
C GLY A 336 11.50 4.15 -7.56
N SER A 337 10.58 3.58 -8.33
CA SER A 337 10.47 3.78 -9.76
C SER A 337 9.08 4.29 -10.09
N PRO A 338 8.89 4.92 -11.25
CA PRO A 338 7.55 5.37 -11.63
C PRO A 338 6.53 4.25 -11.62
N THR A 339 5.27 4.60 -11.45
CA THR A 339 4.19 3.64 -11.58
C THR A 339 3.75 3.48 -13.03
N LYS A 340 4.03 4.48 -13.86
CA LYS A 340 3.74 4.45 -15.27
C LYS A 340 4.60 5.52 -15.91
N ILE A 341 5.29 5.20 -17.01
CA ILE A 341 5.98 6.22 -17.80
C ILE A 341 5.07 6.61 -18.95
N LEU A 342 4.83 7.91 -19.06
CA LEU A 342 3.96 8.49 -20.08
C LEU A 342 4.81 9.26 -21.08
N HIS A 343 4.58 9.02 -22.36
CA HIS A 343 5.34 9.66 -23.42
C HIS A 343 4.43 10.61 -24.19
N GLY A 344 4.89 11.83 -24.41
CA GLY A 344 4.20 12.77 -25.26
C GLY A 344 3.38 13.83 -24.58
N ARG A 345 3.51 14.00 -23.26
CA ARG A 345 2.76 15.00 -22.53
C ARG A 345 3.63 16.16 -22.06
N GLY A 346 4.79 16.34 -22.69
CA GLY A 346 5.60 17.54 -22.53
C GLY A 346 6.15 17.78 -21.15
N GLY A 347 6.83 16.78 -20.60
CA GLY A 347 7.47 16.91 -19.32
C GLY A 347 8.90 16.45 -19.41
N ILE A 348 9.72 17.00 -18.51
CA ILE A 348 11.10 16.58 -18.35
C ILE A 348 11.26 15.90 -17.00
N SER A 349 11.50 14.59 -17.07
CA SER A 349 11.50 13.70 -15.92
C SER A 349 12.91 13.30 -15.55
N GLY A 350 13.05 12.78 -14.34
CA GLY A 350 14.35 12.36 -13.88
C GLY A 350 14.25 11.63 -12.55
N TYR A 351 15.42 11.29 -12.02
CA TYR A 351 15.54 10.47 -10.83
C TYR A 351 16.23 11.27 -9.74
N THR A 352 15.90 10.95 -8.49
CA THR A 352 16.54 11.63 -7.38
C THR A 352 18.02 11.29 -7.35
N LEU A 353 18.84 12.27 -6.96
CA LEU A 353 20.26 12.06 -6.76
C LEU A 353 20.59 11.94 -5.27
N ARG A 354 19.65 11.38 -4.50
CA ARG A 354 19.83 11.32 -3.05
C ARG A 354 21.05 10.50 -2.68
N LEU A 355 21.24 9.37 -3.36
CA LEU A 355 22.23 8.39 -2.96
C LEU A 355 23.32 8.37 -4.03
N CYS A 356 23.85 9.55 -4.36
CA CYS A 356 24.83 9.66 -5.43
C CYS A 356 26.02 10.54 -5.03
N CYS B 2 -22.77 -2.42 -18.47
CA CYS B 2 -22.00 -2.94 -17.35
C CYS B 2 -22.59 -4.26 -16.83
N VAL B 3 -21.79 -4.95 -16.01
CA VAL B 3 -22.19 -6.31 -15.57
C VAL B 3 -22.75 -6.33 -14.16
N THR B 4 -24.01 -6.74 -14.02
CA THR B 4 -24.64 -6.93 -12.72
C THR B 4 -24.74 -8.40 -12.32
N GLN B 5 -24.65 -9.33 -13.28
CA GLN B 5 -24.79 -10.74 -12.97
C GLN B 5 -23.48 -11.33 -12.49
N LEU B 6 -23.57 -12.18 -11.46
CA LEU B 6 -22.41 -12.73 -10.80
C LEU B 6 -21.87 -13.94 -11.56
N LEU B 7 -20.62 -14.27 -11.28
CA LEU B 7 -19.90 -15.33 -11.99
C LEU B 7 -19.81 -16.55 -11.07
N LYS B 8 -20.59 -17.59 -11.40
CA LYS B 8 -20.68 -18.76 -10.54
C LYS B 8 -19.41 -19.60 -10.60
N ASP B 9 -19.00 -20.12 -9.44
CA ASP B 9 -17.77 -20.89 -9.28
C ASP B 9 -16.60 -20.28 -10.07
N THR B 10 -16.41 -18.99 -9.82
CA THR B 10 -15.39 -18.18 -10.48
C THR B 10 -14.56 -17.49 -9.41
N CYS B 11 -13.25 -17.52 -9.56
CA CYS B 11 -12.32 -16.89 -8.62
C CYS B 11 -11.44 -15.92 -9.40
N PHE B 12 -11.58 -14.63 -9.11
CA PHE B 12 -10.64 -13.66 -9.66
C PHE B 12 -9.31 -13.86 -8.96
N GLU B 13 -8.21 -13.73 -9.70
CA GLU B 13 -6.89 -14.09 -9.19
C GLU B 13 -6.06 -12.84 -8.89
N GLY B 14 -5.78 -12.60 -7.61
CA GLY B 14 -4.94 -11.48 -7.21
C GLY B 14 -5.60 -10.11 -7.17
N GLY B 15 -4.73 -9.12 -6.98
CA GLY B 15 -5.10 -7.72 -6.88
C GLY B 15 -5.93 -7.40 -5.65
N ASP B 16 -5.97 -8.34 -4.72
CA ASP B 16 -6.84 -8.23 -3.55
C ASP B 16 -6.43 -7.07 -2.66
N ILE B 17 -7.35 -6.15 -2.42
CA ILE B 17 -7.08 -5.00 -1.56
C ILE B 17 -7.19 -5.39 -0.09
N THR B 18 -8.37 -5.85 0.33
CA THR B 18 -8.56 -6.36 1.67
C THR B 18 -9.63 -7.43 1.64
N THR B 19 -9.69 -8.24 2.69
CA THR B 19 -10.66 -9.32 2.80
C THR B 19 -11.51 -9.05 4.03
N VAL B 20 -12.82 -8.96 3.83
CA VAL B 20 -13.79 -8.77 4.88
C VAL B 20 -14.86 -9.84 4.77
N PHE B 21 -15.73 -9.91 5.75
CA PHE B 21 -16.67 -11.01 5.89
C PHE B 21 -18.07 -10.48 5.62
N THR B 22 -18.71 -11.02 4.58
CA THR B 22 -20.08 -10.59 4.35
C THR B 22 -21.00 -11.79 4.33
N PRO B 23 -22.32 -11.63 4.62
CA PRO B 23 -23.24 -12.76 4.67
C PRO B 23 -23.39 -13.41 3.29
N SER B 24 -23.46 -12.61 2.21
CA SER B 24 -23.68 -13.15 0.89
C SER B 24 -22.69 -12.56 -0.11
N ALA B 25 -22.69 -13.16 -1.30
CA ALA B 25 -21.93 -12.61 -2.42
C ALA B 25 -22.60 -11.37 -2.99
N LYS B 26 -23.93 -11.31 -2.94
CA LYS B 26 -24.64 -10.12 -3.40
C LYS B 26 -24.23 -8.89 -2.60
N TYR B 27 -24.12 -9.04 -1.28
CA TYR B 27 -23.67 -7.94 -0.43
C TYR B 27 -22.17 -7.68 -0.59
N CYS B 28 -21.38 -8.73 -0.80
CA CYS B 28 -19.96 -8.55 -1.13
C CYS B 28 -19.79 -7.59 -2.31
N GLN B 29 -20.69 -7.67 -3.30
CA GLN B 29 -20.68 -6.70 -4.39
C GLN B 29 -20.88 -5.29 -3.87
N VAL B 30 -21.89 -5.08 -3.03
CA VAL B 30 -22.20 -3.74 -2.52
C VAL B 30 -21.01 -3.14 -1.79
N VAL B 31 -20.40 -3.90 -0.88
CA VAL B 31 -19.22 -3.40 -0.17
C VAL B 31 -18.13 -3.02 -1.15
N CYS B 32 -17.91 -3.85 -2.18
CA CYS B 32 -16.96 -3.50 -3.22
C CYS B 32 -17.32 -2.19 -3.89
N THR B 33 -18.58 -2.04 -4.31
CA THR B 33 -19.01 -0.86 -5.04
C THR B 33 -18.72 0.43 -4.26
N TYR B 34 -18.98 0.41 -2.96
CA TYR B 34 -18.81 1.62 -2.16
C TYR B 34 -17.42 1.74 -1.58
N HIS B 35 -16.57 0.77 -1.83
CA HIS B 35 -15.17 0.85 -1.42
C HIS B 35 -14.42 1.74 -2.40
N PRO B 36 -13.59 2.67 -1.91
CA PRO B 36 -12.92 3.62 -2.81
C PRO B 36 -12.10 2.99 -3.93
N ARG B 37 -11.57 1.78 -3.73
CA ARG B 37 -10.64 1.19 -4.69
C ARG B 37 -11.12 -0.11 -5.30
N CYS B 38 -12.12 -0.76 -4.72
CA CYS B 38 -12.54 -2.07 -5.21
C CYS B 38 -13.21 -1.93 -6.56
N LEU B 39 -12.78 -2.74 -7.53
CA LEU B 39 -13.43 -2.82 -8.82
C LEU B 39 -14.13 -4.15 -9.05
N LEU B 40 -13.72 -5.20 -8.33
CA LEU B 40 -14.20 -6.55 -8.54
C LEU B 40 -13.93 -7.33 -7.26
N PHE B 41 -14.64 -8.45 -7.08
CA PHE B 41 -14.62 -9.18 -5.83
C PHE B 41 -14.83 -10.67 -6.06
N THR B 42 -14.40 -11.47 -5.07
CA THR B 42 -14.59 -12.91 -5.07
C THR B 42 -15.01 -13.39 -3.70
N PHE B 43 -16.23 -13.95 -3.60
CA PHE B 43 -16.84 -14.38 -2.34
C PHE B 43 -16.82 -15.90 -2.22
N THR B 44 -16.71 -16.39 -0.98
CA THR B 44 -16.62 -17.82 -0.69
C THR B 44 -17.88 -18.27 0.06
N ALA B 45 -18.76 -18.96 -0.67
CA ALA B 45 -20.02 -19.44 -0.06
C ALA B 45 -19.73 -20.68 0.79
N GLU B 46 -20.72 -21.09 1.59
CA GLU B 46 -20.57 -22.26 2.45
C GLU B 46 -20.66 -23.54 1.62
N SER B 47 -19.60 -24.36 1.68
CA SER B 47 -19.57 -25.63 0.97
C SER B 47 -18.52 -26.51 1.61
N PRO B 48 -18.66 -27.86 1.58
CA PRO B 48 -17.66 -28.75 2.16
C PRO B 48 -16.27 -28.51 1.56
N SER B 49 -16.19 -28.18 0.27
CA SER B 49 -14.89 -28.05 -0.35
C SER B 49 -14.03 -27.01 0.35
N GLU B 50 -14.64 -26.14 1.15
CA GLU B 50 -13.94 -25.10 1.88
C GLU B 50 -14.17 -25.27 3.38
N ASP B 51 -13.15 -24.89 4.15
CA ASP B 51 -13.16 -24.95 5.60
C ASP B 51 -14.17 -23.93 6.13
N PRO B 52 -14.90 -24.18 7.25
CA PRO B 52 -15.75 -23.15 7.83
C PRO B 52 -14.99 -21.82 7.95
N THR B 53 -13.75 -21.84 8.46
CA THR B 53 -13.04 -20.58 8.65
C THR B 53 -12.95 -19.79 7.35
N ARG B 54 -12.95 -20.49 6.22
CA ARG B 54 -12.84 -19.87 4.92
C ARG B 54 -14.20 -19.52 4.32
N TRP B 55 -15.28 -19.68 5.08
CA TRP B 55 -16.61 -19.36 4.61
C TRP B 55 -16.93 -17.89 4.88
N PHE B 56 -17.79 -17.31 4.04
CA PHE B 56 -18.22 -15.91 4.26
C PHE B 56 -17.08 -14.91 4.03
N THR B 57 -15.98 -15.33 3.40
CA THR B 57 -14.93 -14.37 3.03
C THR B 57 -15.33 -13.57 1.79
N CYS B 58 -15.16 -12.25 1.88
CA CYS B 58 -15.47 -11.30 0.81
C CYS B 58 -14.20 -10.53 0.49
N VAL B 59 -13.57 -10.85 -0.64
CA VAL B 59 -12.24 -10.34 -0.98
C VAL B 59 -12.40 -9.21 -1.98
N LEU B 60 -11.99 -8.01 -1.58
CA LEU B 60 -12.06 -6.82 -2.43
C LEU B 60 -10.78 -6.70 -3.25
N LYS B 61 -10.92 -6.60 -4.57
CA LYS B 61 -9.79 -6.65 -5.47
C LYS B 61 -9.77 -5.45 -6.41
N ASP B 62 -8.57 -5.11 -6.89
CA ASP B 62 -8.33 -3.99 -7.77
C ASP B 62 -7.28 -4.36 -8.81
N SER B 63 -7.42 -3.80 -10.01
CA SER B 63 -6.53 -4.15 -11.11
C SER B 63 -6.35 -2.94 -12.02
N VAL B 64 -5.11 -2.73 -12.47
CA VAL B 64 -4.83 -1.64 -13.41
C VAL B 64 -5.63 -1.82 -14.69
N THR B 65 -5.77 -3.06 -15.15
CA THR B 65 -6.52 -3.36 -16.37
C THR B 65 -8.01 -3.49 -16.13
N GLU B 66 -8.49 -3.14 -14.93
CA GLU B 66 -9.90 -3.15 -14.55
C GLU B 66 -10.54 -4.53 -14.67
N THR B 67 -9.73 -5.58 -14.80
CA THR B 67 -10.20 -6.96 -14.75
C THR B 67 -9.02 -7.85 -14.39
N LEU B 68 -9.32 -9.11 -14.08
CA LEU B 68 -8.31 -10.03 -13.60
C LEU B 68 -8.58 -11.42 -14.14
N PRO B 69 -7.57 -12.30 -14.11
CA PRO B 69 -7.77 -13.69 -14.57
C PRO B 69 -8.87 -14.40 -13.80
N ARG B 70 -9.73 -15.10 -14.54
CA ARG B 70 -10.76 -15.95 -13.95
C ARG B 70 -10.24 -17.38 -13.87
N VAL B 71 -9.98 -17.86 -12.65
CA VAL B 71 -9.79 -19.28 -12.39
C VAL B 71 -11.06 -19.78 -11.72
N ASN B 72 -11.48 -21.00 -12.08
CA ASN B 72 -12.72 -21.55 -11.55
C ASN B 72 -12.48 -22.35 -10.26
N ARG B 73 -13.44 -22.25 -9.35
CA ARG B 73 -13.31 -22.86 -8.03
C ARG B 73 -14.71 -23.02 -7.45
N THR B 74 -14.94 -24.19 -6.82
CA THR B 74 -16.27 -24.46 -6.23
C THR B 74 -16.55 -23.47 -5.10
N ALA B 75 -17.80 -23.00 -4.99
CA ALA B 75 -18.20 -22.10 -3.88
C ALA B 75 -17.49 -20.75 -3.97
N ALA B 76 -17.13 -20.31 -5.18
CA ALA B 76 -16.52 -19.00 -5.38
C ALA B 76 -17.44 -18.18 -6.26
N ILE B 77 -17.94 -17.06 -5.72
CA ILE B 77 -18.77 -16.16 -6.50
C ILE B 77 -17.96 -14.90 -6.77
N SER B 78 -17.82 -14.55 -8.04
CA SER B 78 -17.06 -13.38 -8.45
C SER B 78 -18.00 -12.39 -9.14
N GLY B 79 -17.51 -11.16 -9.30
CA GLY B 79 -18.33 -10.12 -9.89
C GLY B 79 -17.60 -8.80 -9.89
N TYR B 80 -18.24 -7.81 -10.51
CA TYR B 80 -17.69 -6.48 -10.69
C TYR B 80 -18.56 -5.46 -9.97
N SER B 81 -17.93 -4.37 -9.52
CA SER B 81 -18.63 -3.36 -8.77
C SER B 81 -19.54 -2.55 -9.70
N PHE B 82 -20.42 -1.75 -9.11
CA PHE B 82 -21.39 -0.96 -9.84
C PHE B 82 -20.93 0.48 -10.05
N LYS B 83 -19.63 0.74 -9.93
CA LYS B 83 -19.15 2.13 -9.99
C LYS B 83 -19.52 2.79 -11.31
N GLN B 84 -19.41 2.07 -12.42
CA GLN B 84 -19.78 2.70 -13.69
C GLN B 84 -21.28 2.59 -13.93
N CYS B 85 -21.90 1.51 -13.46
CA CYS B 85 -23.33 1.32 -13.66
C CYS B 85 -24.09 2.56 -13.18
N SER B 86 -25.15 2.94 -13.90
CA SER B 86 -25.85 4.21 -13.55
C SER B 86 -26.90 4.01 -12.45
N HIS B 87 -27.51 2.82 -12.36
CA HIS B 87 -28.61 2.66 -11.41
C HIS B 87 -28.19 2.80 -9.94
N GLN B 88 -27.01 2.30 -9.55
CA GLN B 88 -26.47 2.42 -8.19
C GLN B 88 -27.39 1.79 -7.14
N ILE B 89 -27.51 0.46 -7.20
CA ILE B 89 -28.36 -0.26 -6.19
C ILE B 89 -27.99 0.25 -4.79
N SER B 90 -28.99 0.41 -3.92
CA SER B 90 -28.74 0.94 -2.59
C SER B 90 -27.97 0.03 -1.65
N ALA B 91 -27.26 0.64 -0.70
CA ALA B 91 -26.50 -0.14 0.28
C ALA B 91 -27.44 -0.64 1.38
N CYS B 92 -28.75 -0.56 1.13
CA CYS B 92 -29.74 -0.99 2.13
C CYS B 92 -29.98 -2.47 1.98
N ASN B 93 -29.34 -3.25 2.88
CA ASN B 93 -29.52 -4.73 2.90
C ASN B 93 -30.53 -5.09 3.99
N LYS B 94 -31.83 -5.06 3.66
CA LYS B 94 -32.90 -5.37 4.59
C LYS B 94 -32.96 -6.84 4.96
N ASP B 95 -31.95 -7.61 4.51
CA ASP B 95 -31.99 -9.09 4.67
C ASP B 95 -31.65 -9.56 6.09
N ILE B 96 -32.51 -10.41 6.67
CA ILE B 96 -32.23 -11.04 7.95
C ILE B 96 -31.78 -12.46 7.65
N TYR B 97 -30.59 -12.77 8.15
CA TYR B 97 -30.01 -14.08 7.82
C TYR B 97 -30.34 -15.07 8.93
N VAL B 98 -30.71 -16.28 8.51
CA VAL B 98 -31.11 -17.33 9.48
C VAL B 98 -29.91 -18.23 9.76
N ASP B 99 -29.72 -18.58 11.03
CA ASP B 99 -28.65 -19.47 11.47
C ASP B 99 -27.27 -18.88 11.17
N LEU B 100 -27.15 -17.57 11.36
CA LEU B 100 -25.92 -16.84 11.04
C LEU B 100 -25.58 -15.94 12.23
N ASP B 101 -24.44 -16.18 12.86
CA ASP B 101 -23.94 -15.32 13.92
C ASP B 101 -22.86 -14.41 13.36
N MET B 102 -23.19 -13.14 13.23
CA MET B 102 -22.26 -12.13 12.75
C MET B 102 -21.52 -11.56 13.96
N LYS B 103 -20.18 -11.60 13.92
CA LYS B 103 -19.39 -11.27 15.10
C LYS B 103 -18.94 -9.82 15.07
N GLY B 104 -18.93 -9.21 16.24
CA GLY B 104 -18.51 -7.84 16.47
C GLY B 104 -18.06 -7.67 17.92
N ILE B 105 -18.08 -6.45 18.46
CA ILE B 105 -17.55 -6.23 19.80
C ILE B 105 -18.58 -6.42 20.95
N ASN B 106 -19.89 -6.42 20.65
CA ASN B 106 -21.01 -6.67 21.57
C ASN B 106 -21.29 -5.65 22.68
N TYR B 107 -21.47 -4.39 22.26
CA TYR B 107 -21.75 -3.31 23.25
C TYR B 107 -23.07 -3.44 24.02
N ASN B 108 -24.16 -3.93 23.41
CA ASN B 108 -25.42 -3.94 24.14
C ASN B 108 -26.04 -5.31 24.05
N SER B 109 -26.81 -5.68 25.07
CA SER B 109 -27.51 -6.95 25.07
C SER B 109 -28.75 -6.82 25.97
N SER B 110 -29.87 -6.46 25.38
CA SER B 110 -31.12 -6.43 26.12
C SER B 110 -32.11 -7.39 25.47
N VAL B 111 -33.38 -7.29 25.84
CA VAL B 111 -34.38 -8.28 25.46
C VAL B 111 -35.33 -7.68 24.44
N ALA B 112 -35.88 -8.54 23.59
CA ALA B 112 -36.63 -8.09 22.43
C ALA B 112 -37.71 -9.10 22.07
N LYS B 113 -38.88 -8.59 21.66
CA LYS B 113 -40.00 -9.46 21.33
C LYS B 113 -39.71 -10.30 20.09
N SER B 114 -39.17 -9.69 19.04
CA SER B 114 -38.94 -10.39 17.78
C SER B 114 -37.63 -9.94 17.17
N ALA B 115 -37.27 -10.57 16.05
CA ALA B 115 -36.05 -10.19 15.34
C ALA B 115 -36.16 -8.79 14.73
N GLN B 116 -37.32 -8.46 14.16
CA GLN B 116 -37.49 -7.15 13.54
C GLN B 116 -37.41 -6.01 14.55
N GLU B 117 -37.76 -6.25 15.81
CA GLU B 117 -37.58 -5.17 16.78
C GLU B 117 -36.11 -5.04 17.13
N CYS B 118 -35.40 -6.17 17.25
CA CYS B 118 -33.96 -6.14 17.44
C CYS B 118 -33.31 -5.31 16.33
N GLN B 119 -33.74 -5.54 15.09
CA GLN B 119 -33.30 -4.71 13.98
C GLN B 119 -33.60 -3.23 14.24
N GLU B 120 -34.86 -2.92 14.54
CA GLU B 120 -35.24 -1.53 14.81
C GLU B 120 -34.43 -0.94 15.96
N ARG B 121 -34.10 -1.74 16.96
CA ARG B 121 -33.20 -1.26 18.01
C ARG B 121 -31.82 -0.99 17.44
N CYS B 122 -31.30 -1.91 16.63
CA CYS B 122 -30.01 -1.69 15.98
C CYS B 122 -30.03 -0.45 15.09
N THR B 123 -31.03 -0.35 14.21
CA THR B 123 -31.14 0.80 13.33
C THR B 123 -31.15 2.12 14.11
N ASP B 124 -31.90 2.16 15.20
CA ASP B 124 -32.07 3.41 15.95
C ASP B 124 -30.93 3.70 16.90
N ASP B 125 -29.96 2.80 17.05
CA ASP B 125 -28.85 2.99 17.98
C ASP B 125 -27.66 3.59 17.25
N VAL B 126 -26.98 4.52 17.93
CA VAL B 126 -25.93 5.32 17.30
C VAL B 126 -24.76 4.44 16.86
N HIS B 127 -24.45 3.39 17.62
CA HIS B 127 -23.25 2.60 17.38
C HIS B 127 -23.48 1.34 16.55
N CYS B 128 -24.73 0.97 16.29
CA CYS B 128 -24.99 -0.36 15.74
C CYS B 128 -24.71 -0.43 14.25
N HIS B 129 -24.00 -1.48 13.84
CA HIS B 129 -23.84 -1.87 12.45
C HIS B 129 -24.69 -3.07 12.09
N PHE B 130 -24.65 -4.11 12.92
CA PHE B 130 -25.46 -5.30 12.72
C PHE B 130 -25.80 -5.88 14.09
N PHE B 131 -26.77 -6.80 14.09
CA PHE B 131 -27.32 -7.37 15.31
C PHE B 131 -27.40 -8.87 15.16
N THR B 132 -27.49 -9.56 16.31
CA THR B 132 -27.86 -10.96 16.35
C THR B 132 -28.91 -11.13 17.42
N TYR B 133 -29.99 -11.85 17.09
CA TYR B 133 -31.13 -12.04 17.97
C TYR B 133 -31.37 -13.51 18.21
N ALA B 134 -31.52 -13.89 19.48
CA ALA B 134 -31.82 -15.28 19.84
C ALA B 134 -33.33 -15.48 19.79
N THR B 135 -33.77 -16.32 18.86
CA THR B 135 -35.18 -16.65 18.71
C THR B 135 -35.73 -17.35 19.96
N ARG B 136 -37.06 -17.52 19.97
CA ARG B 136 -37.72 -18.18 21.09
C ARG B 136 -37.24 -19.61 21.30
N GLN B 137 -36.68 -20.24 20.27
CA GLN B 137 -36.26 -21.63 20.30
C GLN B 137 -34.78 -21.81 20.63
N PHE B 138 -34.18 -20.88 21.37
CA PHE B 138 -32.75 -20.97 21.63
C PHE B 138 -32.50 -21.85 22.87
N PRO B 139 -31.60 -22.84 22.77
CA PRO B 139 -31.35 -23.75 23.91
C PRO B 139 -31.17 -23.11 25.27
N SER B 140 -30.24 -22.16 25.40
CA SER B 140 -29.97 -21.60 26.71
C SER B 140 -31.03 -20.54 27.00
N LEU B 141 -31.82 -20.77 28.04
CA LEU B 141 -32.87 -19.81 28.39
C LEU B 141 -32.30 -18.46 28.79
N GLU B 142 -31.05 -18.45 29.26
CA GLU B 142 -30.37 -17.19 29.57
C GLU B 142 -30.30 -16.27 28.36
N HIS B 143 -30.13 -16.84 27.17
CA HIS B 143 -29.90 -16.05 25.97
C HIS B 143 -31.18 -15.89 25.16
N ARG B 144 -32.20 -16.70 25.42
CA ARG B 144 -33.47 -16.64 24.72
C ARG B 144 -34.00 -15.21 24.64
N ASN B 145 -34.30 -14.78 23.41
CA ASN B 145 -35.05 -13.56 23.14
C ASN B 145 -34.28 -12.30 23.52
N ILE B 146 -32.95 -12.35 23.42
CA ILE B 146 -32.09 -11.21 23.70
C ILE B 146 -31.55 -10.67 22.39
N CYS B 147 -31.39 -9.35 22.32
CA CYS B 147 -30.91 -8.65 21.13
C CYS B 147 -29.60 -7.99 21.50
N LEU B 148 -28.48 -8.58 21.06
CA LEU B 148 -27.16 -8.00 21.26
C LEU B 148 -26.73 -7.26 20.00
N LEU B 149 -26.42 -5.97 20.15
CA LEU B 149 -25.94 -5.13 19.06
C LEU B 149 -24.42 -5.11 18.97
N LYS B 150 -23.91 -5.17 17.74
CA LYS B 150 -22.48 -5.20 17.48
C LYS B 150 -22.11 -4.17 16.43
N HIS B 151 -20.87 -3.68 16.52
CA HIS B 151 -20.30 -2.81 15.51
C HIS B 151 -18.85 -3.23 15.33
N THR B 152 -18.29 -2.88 14.17
CA THR B 152 -16.90 -3.17 13.88
C THR B 152 -16.23 -1.92 13.36
N GLN B 153 -14.89 -1.95 13.34
CA GLN B 153 -14.13 -0.83 12.78
C GLN B 153 -14.52 -0.59 11.33
N THR B 154 -14.71 -1.67 10.57
CA THR B 154 -15.00 -1.59 9.15
C THR B 154 -16.48 -1.44 8.83
N GLY B 155 -17.37 -1.65 9.81
CA GLY B 155 -18.79 -1.66 9.56
C GLY B 155 -19.34 -2.99 9.10
N THR B 156 -18.50 -3.96 8.79
CA THR B 156 -18.83 -5.30 8.39
C THR B 156 -18.39 -6.27 9.49
N PRO B 157 -19.01 -7.45 9.63
CA PRO B 157 -18.61 -8.33 10.72
C PRO B 157 -17.21 -8.88 10.57
N THR B 158 -16.59 -9.17 11.71
CA THR B 158 -15.21 -9.65 11.73
C THR B 158 -15.12 -11.13 11.38
N ARG B 159 -16.17 -11.89 11.70
CA ARG B 159 -16.18 -13.33 11.53
C ARG B 159 -17.65 -13.73 11.40
N ILE B 160 -17.98 -14.52 10.39
CA ILE B 160 -19.33 -15.05 10.26
C ILE B 160 -19.26 -16.57 10.39
N THR B 161 -20.03 -17.10 11.35
CA THR B 161 -20.13 -18.53 11.62
C THR B 161 -21.60 -18.91 11.55
N LYS B 162 -21.86 -20.21 11.53
CA LYS B 162 -23.21 -20.73 11.41
C LYS B 162 -23.67 -21.30 12.74
N LEU B 163 -24.72 -20.69 13.30
CA LEU B 163 -25.26 -21.09 14.60
C LEU B 163 -26.78 -21.17 14.48
N ASP B 164 -27.32 -22.36 14.67
CA ASP B 164 -28.74 -22.59 14.46
C ASP B 164 -29.59 -21.92 15.55
N LYS B 165 -30.84 -21.62 15.19
CA LYS B 165 -31.84 -21.00 16.08
C LYS B 165 -31.56 -19.56 16.51
N VAL B 166 -30.83 -18.83 15.66
CA VAL B 166 -30.51 -17.41 15.97
C VAL B 166 -30.56 -16.62 14.66
N VAL B 167 -30.92 -15.34 14.73
CA VAL B 167 -31.01 -14.51 13.51
C VAL B 167 -30.11 -13.29 13.62
N SER B 168 -29.40 -12.99 12.53
CA SER B 168 -28.59 -11.78 12.39
C SER B 168 -29.08 -10.94 11.20
N GLY B 169 -28.78 -9.65 11.25
CA GLY B 169 -29.16 -8.73 10.19
C GLY B 169 -28.36 -7.45 10.30
N PHE B 170 -28.61 -6.55 9.35
CA PHE B 170 -27.85 -5.30 9.24
C PHE B 170 -28.72 -4.12 9.60
N SER B 171 -28.06 -3.08 10.13
CA SER B 171 -28.74 -1.84 10.42
C SER B 171 -29.33 -1.23 9.15
N LEU B 172 -30.50 -0.64 9.28
CA LEU B 172 -31.19 0.01 8.17
C LEU B 172 -31.11 1.52 8.25
N LYS B 173 -30.01 2.05 8.79
CA LYS B 173 -29.76 3.48 8.70
C LYS B 173 -29.64 3.91 7.25
N SER B 174 -29.16 3.01 6.39
CA SER B 174 -29.01 3.34 4.97
C SER B 174 -30.37 3.50 4.27
N CYS B 175 -31.43 2.90 4.81
CA CYS B 175 -32.70 3.04 4.07
C CYS B 175 -33.39 4.36 4.48
N ALA B 176 -33.04 4.92 5.63
CA ALA B 176 -33.57 6.20 6.06
C ALA B 176 -32.95 7.30 5.21
N LEU B 177 -33.77 8.23 4.74
CA LEU B 177 -33.27 9.28 3.81
C LEU B 177 -33.91 10.62 4.13
N SER B 178 -33.70 11.13 5.33
CA SER B 178 -34.26 12.44 5.74
C SER B 178 -34.13 13.36 4.53
N ASN B 179 -33.05 13.21 3.76
CA ASN B 179 -32.78 14.12 2.61
C ASN B 179 -32.92 15.50 3.26
N LEU B 180 -32.18 15.69 4.34
CA LEU B 180 -32.37 16.94 5.08
C LEU B 180 -31.02 17.58 5.34
N ALA B 181 -30.30 17.07 6.33
CA ALA B 181 -29.06 17.72 6.77
C ALA B 181 -28.20 16.52 7.09
N CYS B 182 -26.89 16.60 6.83
CA CYS B 182 -25.97 15.45 7.05
C CYS B 182 -24.95 15.88 8.07
N ILE B 183 -24.51 17.14 7.91
CA ILE B 183 -23.61 17.77 8.92
C ILE B 183 -24.57 18.58 9.78
N ARG B 184 -24.66 18.25 11.06
CA ARG B 184 -25.66 18.83 11.95
C ARG B 184 -24.80 19.35 13.10
N ASP B 185 -25.39 20.23 13.90
CA ASP B 185 -24.73 20.91 15.00
C ASP B 185 -23.32 21.44 14.77
N ILE B 186 -23.17 22.34 13.80
CA ILE B 186 -21.87 22.96 13.57
C ILE B 186 -21.34 23.76 14.73
N PHE B 187 -20.10 23.46 15.10
CA PHE B 187 -19.44 24.00 16.28
C PHE B 187 -18.29 24.89 15.81
N PRO B 188 -18.54 26.18 15.59
CA PRO B 188 -17.47 27.03 15.07
C PRO B 188 -16.43 27.38 16.12
N ASN B 189 -15.20 27.55 15.63
CA ASN B 189 -14.05 27.96 16.45
C ASN B 189 -13.91 27.10 17.72
N THR B 190 -14.03 25.78 17.54
CA THR B 190 -13.88 24.81 18.62
C THR B 190 -13.30 23.53 18.04
N VAL B 191 -12.45 22.85 18.82
CA VAL B 191 -11.97 21.52 18.48
C VAL B 191 -12.51 20.50 19.48
N PHE B 192 -12.80 19.30 18.98
CA PHE B 192 -13.16 18.16 19.81
C PHE B 192 -11.91 17.36 20.18
N ALA B 193 -12.07 16.43 21.13
CA ALA B 193 -10.93 15.64 21.60
C ALA B 193 -11.45 14.33 22.24
N ASP B 194 -11.72 13.35 21.39
CA ASP B 194 -12.21 12.03 21.77
C ASP B 194 -11.51 11.03 20.85
N SER B 195 -11.98 9.78 20.88
CA SER B 195 -11.36 8.73 20.09
C SER B 195 -11.21 9.19 18.65
N ASN B 196 -9.96 9.22 18.18
CA ASN B 196 -9.64 9.55 16.80
C ASN B 196 -9.59 8.22 16.06
N ILE B 197 -10.53 7.99 15.15
CA ILE B 197 -10.60 6.68 14.48
C ILE B 197 -10.14 6.70 13.03
N ASP B 198 -10.03 7.87 12.40
CA ASP B 198 -9.51 7.96 11.03
C ASP B 198 -9.25 9.43 10.74
N SER B 199 -8.49 9.69 9.70
CA SER B 199 -8.17 11.07 9.34
C SER B 199 -7.92 11.17 7.85
N VAL B 200 -8.47 12.23 7.25
CA VAL B 200 -8.41 12.44 5.82
C VAL B 200 -8.19 13.94 5.58
N MET B 201 -7.74 14.28 4.38
CA MET B 201 -7.59 15.66 3.95
C MET B 201 -8.83 16.08 3.17
N ALA B 202 -9.43 17.20 3.57
CA ALA B 202 -10.64 17.73 2.99
C ALA B 202 -10.42 19.17 2.52
N PRO B 203 -11.12 19.59 1.47
CA PRO B 203 -10.91 20.98 1.01
C PRO B 203 -11.54 21.99 1.94
N ASP B 204 -12.75 21.72 2.43
CA ASP B 204 -13.47 22.58 3.34
C ASP B 204 -14.06 21.72 4.46
N ALA B 205 -14.68 22.37 5.43
CA ALA B 205 -15.28 21.63 6.54
C ALA B 205 -16.57 20.92 6.16
N PHE B 206 -17.15 21.23 4.99
CA PHE B 206 -18.43 20.62 4.65
C PHE B 206 -18.27 19.31 3.90
N VAL B 207 -17.14 19.09 3.24
CA VAL B 207 -16.81 17.76 2.74
C VAL B 207 -16.43 16.85 3.90
N CYS B 208 -15.55 17.34 4.78
CA CYS B 208 -15.18 16.65 6.00
C CYS B 208 -16.39 16.06 6.72
N GLY B 209 -17.43 16.85 6.90
CA GLY B 209 -18.61 16.37 7.60
C GLY B 209 -19.31 15.27 6.85
N ARG B 210 -19.48 15.44 5.53
CA ARG B 210 -20.15 14.41 4.75
C ARG B 210 -19.36 13.11 4.74
N ILE B 211 -18.03 13.18 4.83
CA ILE B 211 -17.22 11.96 4.91
C ILE B 211 -17.56 11.18 6.17
N CYS B 212 -17.57 11.88 7.32
CA CYS B 212 -17.92 11.27 8.58
C CYS B 212 -19.27 10.58 8.55
N THR B 213 -20.21 11.10 7.75
CA THR B 213 -21.53 10.47 7.63
C THR B 213 -21.46 9.15 6.87
N HIS B 214 -20.58 9.04 5.87
CA HIS B 214 -20.46 7.82 5.11
C HIS B 214 -19.51 6.83 5.77
N HIS B 215 -18.61 7.33 6.60
CA HIS B 215 -17.70 6.46 7.34
C HIS B 215 -18.49 5.63 8.36
N PRO B 216 -18.28 4.32 8.42
CA PRO B 216 -19.05 3.50 9.39
C PRO B 216 -18.91 3.95 10.84
N GLY B 217 -17.69 4.15 11.34
CA GLY B 217 -17.52 4.41 12.75
C GLY B 217 -17.20 5.84 13.11
N CYS B 218 -17.82 6.80 12.43
CA CYS B 218 -17.61 8.22 12.71
C CYS B 218 -18.92 8.82 13.19
N LEU B 219 -18.86 9.55 14.30
CA LEU B 219 -20.03 10.21 14.87
C LEU B 219 -19.89 11.71 14.95
N PHE B 220 -18.67 12.22 15.17
CA PHE B 220 -18.40 13.65 15.13
C PHE B 220 -16.99 13.84 14.59
N PHE B 221 -16.64 15.08 14.29
CA PHE B 221 -15.38 15.35 13.60
C PHE B 221 -14.82 16.68 14.05
N THR B 222 -13.60 16.94 13.61
CA THR B 222 -12.96 18.24 13.75
C THR B 222 -12.19 18.52 12.47
N PHE B 223 -12.47 19.65 11.84
CA PHE B 223 -11.81 20.06 10.61
C PHE B 223 -10.89 21.24 10.92
N PHE B 224 -9.61 21.05 10.66
CA PHE B 224 -8.65 22.14 10.75
C PHE B 224 -8.64 22.84 9.41
N SER B 225 -8.77 24.16 9.43
CA SER B 225 -8.93 24.88 8.18
C SER B 225 -7.59 25.15 7.54
N GLN B 226 -7.66 25.81 6.39
CA GLN B 226 -6.49 26.20 5.62
C GLN B 226 -5.68 27.26 6.34
N GLU B 227 -6.29 27.97 7.29
CA GLU B 227 -5.63 29.02 8.06
C GLU B 227 -5.21 28.56 9.44
N TRP B 228 -5.28 27.25 9.70
CA TRP B 228 -4.75 26.72 10.95
C TRP B 228 -3.25 26.95 10.99
N PRO B 229 -2.70 27.37 12.13
CA PRO B 229 -1.26 27.65 12.22
C PRO B 229 -0.34 26.53 11.73
N LYS B 230 -0.35 25.38 12.39
CA LYS B 230 0.61 24.33 12.05
C LYS B 230 0.31 23.82 10.64
N GLU B 231 1.28 23.99 9.75
CA GLU B 231 1.04 23.74 8.32
C GLU B 231 0.67 22.28 8.05
N SER B 232 1.30 21.34 8.75
CA SER B 232 1.03 19.93 8.51
C SER B 232 -0.44 19.57 8.73
N GLN B 233 -1.15 20.33 9.55
CA GLN B 233 -2.51 19.99 9.96
C GLN B 233 -3.58 20.74 9.16
N ARG B 234 -3.20 21.50 8.14
CA ARG B 234 -4.20 22.27 7.40
C ARG B 234 -5.01 21.36 6.49
N ASN B 235 -6.33 21.60 6.47
CA ASN B 235 -7.28 20.78 5.70
C ASN B 235 -7.35 19.35 6.23
N LEU B 236 -7.06 19.18 7.52
CA LEU B 236 -7.06 17.88 8.18
C LEU B 236 -8.45 17.59 8.74
N CYS B 237 -9.07 16.52 8.26
CA CYS B 237 -10.44 16.15 8.65
C CYS B 237 -10.37 14.95 9.60
N LEU B 238 -10.57 15.22 10.89
CA LEU B 238 -10.41 14.22 11.95
C LEU B 238 -11.77 13.53 12.18
N LEU B 239 -11.84 12.24 11.86
CA LEU B 239 -13.05 11.46 12.10
C LEU B 239 -13.00 10.82 13.49
N LYS B 240 -14.03 11.06 14.29
CA LYS B 240 -14.01 10.69 15.71
C LYS B 240 -15.29 9.99 16.13
N THR B 241 -15.17 9.28 17.26
CA THR B 241 -16.26 8.59 17.90
C THR B 241 -16.02 8.61 19.40
N SER B 242 -17.01 8.14 20.16
CA SER B 242 -16.87 8.04 21.60
C SER B 242 -17.83 6.98 22.13
N GLU B 243 -17.56 6.54 23.35
CA GLU B 243 -18.42 5.54 23.99
C GLU B 243 -19.81 6.10 24.21
N SER B 244 -19.88 7.40 24.49
CA SER B 244 -21.14 8.08 24.75
C SER B 244 -21.98 8.23 23.49
N GLY B 245 -21.34 8.34 22.33
CA GLY B 245 -22.01 8.75 21.13
C GLY B 245 -21.96 10.25 20.92
N LEU B 246 -21.50 10.98 21.93
CA LEU B 246 -21.34 12.41 21.97
C LEU B 246 -19.87 12.69 22.24
N PRO B 247 -19.39 13.88 21.92
CA PRO B 247 -18.01 14.23 22.19
C PRO B 247 -17.81 14.49 23.68
N SER B 248 -16.56 14.74 24.05
CA SER B 248 -16.26 14.94 25.46
C SER B 248 -16.33 16.41 25.85
N THR B 249 -15.69 17.28 25.07
CA THR B 249 -15.51 18.66 25.49
C THR B 249 -15.36 19.58 24.29
N ARG B 250 -15.75 20.84 24.46
CA ARG B 250 -15.59 21.88 23.44
C ARG B 250 -14.39 22.73 23.84
N ILE B 251 -13.30 22.59 23.09
CA ILE B 251 -12.08 23.36 23.32
C ILE B 251 -12.07 24.53 22.35
N LYS B 252 -12.16 25.76 22.86
CA LYS B 252 -12.27 26.93 22.00
C LYS B 252 -10.93 27.17 21.31
N LYS B 253 -10.82 26.73 20.06
CA LYS B 253 -9.63 26.90 19.25
C LYS B 253 -9.99 27.63 17.97
N SER B 254 -9.11 28.50 17.51
CA SER B 254 -9.43 29.34 16.36
C SER B 254 -9.16 28.61 15.05
N LYS B 255 -9.93 28.98 14.02
CA LYS B 255 -9.73 28.47 12.66
C LYS B 255 -9.87 26.95 12.60
N ALA B 256 -10.75 26.40 13.43
CA ALA B 256 -11.01 24.97 13.44
C ALA B 256 -12.49 24.74 13.72
N LEU B 257 -13.10 23.83 12.95
CA LEU B 257 -14.54 23.61 12.98
C LEU B 257 -14.83 22.15 13.33
N SER B 258 -15.71 21.94 14.30
CA SER B 258 -16.18 20.62 14.69
C SER B 258 -17.67 20.48 14.38
N GLY B 259 -18.17 19.25 14.44
CA GLY B 259 -19.56 19.03 14.10
C GLY B 259 -19.97 17.59 14.34
N PHE B 260 -21.24 17.34 14.02
CA PHE B 260 -21.91 16.06 14.27
C PHE B 260 -22.38 15.50 12.95
N SER B 261 -21.94 14.30 12.59
CA SER B 261 -22.54 13.62 11.46
C SER B 261 -23.98 13.25 11.79
N LEU B 262 -24.80 13.14 10.75
CA LEU B 262 -26.18 12.70 10.97
C LEU B 262 -26.40 11.20 10.81
N GLN B 263 -25.67 10.56 9.89
CA GLN B 263 -25.85 9.14 9.49
C GLN B 263 -27.32 8.78 9.22
N SER B 264 -28.16 9.80 9.03
CA SER B 264 -29.55 9.53 8.66
C SER B 264 -30.00 10.24 7.40
N CYS B 265 -29.16 11.07 6.79
CA CYS B 265 -29.60 11.95 5.73
C CYS B 265 -29.29 11.30 4.40
N ARG B 266 -29.57 12.01 3.31
CA ARG B 266 -29.15 11.53 1.99
C ARG B 266 -27.73 10.99 2.07
N HIS B 267 -27.54 9.72 1.75
CA HIS B 267 -26.28 9.09 2.13
C HIS B 267 -25.30 9.05 0.97
N SER B 268 -25.60 8.26 -0.06
CA SER B 268 -24.72 8.19 -1.26
C SER B 268 -24.83 9.48 -2.09
N ILE B 269 -25.80 10.32 -1.76
CA ILE B 269 -26.02 11.51 -2.61
C ILE B 269 -24.97 12.58 -2.30
N PRO B 270 -24.88 13.15 -1.08
CA PRO B 270 -24.00 14.32 -0.86
C PRO B 270 -22.54 14.00 -0.84
N VAL B 271 -22.23 12.82 -0.29
CA VAL B 271 -20.84 12.45 -0.13
C VAL B 271 -20.25 12.12 -1.49
N PHE B 272 -21.05 11.47 -2.34
CA PHE B 272 -20.58 10.98 -3.62
C PHE B 272 -20.87 11.91 -4.80
N CYS B 273 -21.90 12.76 -4.72
CA CYS B 273 -22.14 13.80 -5.73
C CYS B 273 -21.60 15.15 -5.26
N HIS B 274 -20.29 15.35 -5.37
CA HIS B 274 -19.66 16.65 -5.12
C HIS B 274 -18.98 17.13 -6.39
N SER B 275 -19.71 17.84 -7.25
CA SER B 275 -19.12 18.35 -8.48
C SER B 275 -18.61 19.79 -8.33
N SER B 276 -18.31 20.21 -7.11
CA SER B 276 -17.73 21.53 -6.90
C SER B 276 -16.28 21.53 -7.35
N PHE B 277 -15.84 22.66 -7.88
CA PHE B 277 -14.46 22.84 -8.32
C PHE B 277 -13.74 23.77 -7.37
N TYR B 278 -12.56 23.37 -6.93
CA TYR B 278 -11.76 24.15 -5.98
C TYR B 278 -10.60 24.78 -6.74
N HIS B 279 -10.71 26.08 -6.98
CA HIS B 279 -9.72 26.79 -7.77
C HIS B 279 -8.49 27.13 -6.93
N ASP B 280 -7.35 27.23 -7.62
CA ASP B 280 -6.06 27.43 -6.98
C ASP B 280 -5.86 26.38 -5.89
N THR B 281 -6.35 25.17 -6.15
CA THR B 281 -6.32 24.08 -5.19
C THR B 281 -5.89 22.84 -5.95
N ASP B 282 -4.79 22.22 -5.52
CA ASP B 282 -4.24 21.05 -6.17
C ASP B 282 -4.43 19.84 -5.26
N PHE B 283 -5.31 18.93 -5.67
CA PHE B 283 -5.53 17.69 -4.94
C PHE B 283 -4.35 16.75 -5.22
N LEU B 284 -3.50 16.53 -4.22
CA LEU B 284 -2.38 15.65 -4.46
C LEU B 284 -2.83 14.20 -4.33
N GLY B 285 -2.11 13.30 -5.00
CA GLY B 285 -2.45 11.89 -4.92
C GLY B 285 -1.50 11.04 -5.71
N GLU B 286 -1.97 9.85 -6.07
CA GLU B 286 -1.24 8.98 -6.98
C GLU B 286 -1.74 9.23 -8.39
N GLU B 287 -0.82 9.55 -9.30
CA GLU B 287 -1.23 9.89 -10.65
C GLU B 287 -1.59 8.64 -11.43
N LEU B 288 -2.75 8.68 -12.09
CA LEU B 288 -3.24 7.56 -12.88
C LEU B 288 -3.03 7.79 -14.36
N ASP B 289 -2.92 9.04 -14.79
CA ASP B 289 -2.77 9.42 -16.18
C ASP B 289 -2.54 10.92 -16.22
N ILE B 290 -2.09 11.40 -17.38
CA ILE B 290 -2.02 12.83 -17.65
C ILE B 290 -2.53 13.04 -19.06
N VAL B 291 -3.84 13.28 -19.18
CA VAL B 291 -4.45 13.55 -20.46
C VAL B 291 -4.58 15.06 -20.62
N ALA B 292 -4.95 15.48 -21.81
CA ALA B 292 -5.14 16.89 -22.11
C ALA B 292 -6.60 17.15 -22.43
N ALA B 293 -7.08 18.33 -22.04
CA ALA B 293 -8.46 18.72 -22.28
C ALA B 293 -8.52 20.24 -22.33
N LYS B 294 -9.72 20.75 -22.61
CA LYS B 294 -9.92 22.18 -22.84
C LYS B 294 -10.24 22.91 -21.54
N SER B 295 -11.04 22.29 -20.69
CA SER B 295 -11.53 22.90 -19.46
C SER B 295 -11.32 21.94 -18.30
N HIS B 296 -11.51 22.44 -17.08
CA HIS B 296 -11.53 21.54 -15.93
C HIS B 296 -12.79 20.69 -15.94
N GLU B 297 -13.87 21.24 -16.51
CA GLU B 297 -15.13 20.52 -16.62
C GLU B 297 -15.00 19.31 -17.54
N ALA B 298 -14.08 19.36 -18.51
CA ALA B 298 -13.76 18.18 -19.30
C ALA B 298 -12.87 17.23 -18.51
N CYS B 299 -11.90 17.79 -17.79
CA CYS B 299 -11.09 17.00 -16.86
C CYS B 299 -11.95 16.12 -15.97
N GLN B 300 -13.01 16.71 -15.38
CA GLN B 300 -13.88 15.95 -14.49
C GLN B 300 -14.47 14.74 -15.19
N LYS B 301 -15.07 14.93 -16.37
CA LYS B 301 -15.69 13.81 -17.07
C LYS B 301 -14.68 12.75 -17.44
N LEU B 302 -13.41 13.13 -17.62
CA LEU B 302 -12.36 12.14 -17.83
C LEU B 302 -12.13 11.35 -16.55
N CYS B 303 -12.20 12.01 -15.39
CA CYS B 303 -12.05 11.29 -14.13
C CYS B 303 -13.29 10.44 -13.85
N THR B 304 -14.47 10.98 -14.14
CA THR B 304 -15.70 10.21 -13.96
C THR B 304 -15.69 8.94 -14.79
N ASN B 305 -15.20 9.02 -16.03
CA ASN B 305 -15.19 7.85 -16.90
C ASN B 305 -14.04 6.91 -16.58
N ALA B 306 -12.92 7.42 -16.10
CA ALA B 306 -11.86 6.55 -15.60
C ALA B 306 -12.32 5.95 -14.28
N VAL B 307 -12.66 4.66 -14.30
CA VAL B 307 -13.31 4.04 -13.14
C VAL B 307 -12.36 4.00 -11.95
N ARG B 308 -11.05 3.98 -12.20
CA ARG B 308 -10.06 3.99 -11.13
C ARG B 308 -9.78 5.39 -10.60
N CYS B 309 -10.36 6.43 -11.20
CA CYS B 309 -10.07 7.80 -10.81
C CYS B 309 -10.99 8.25 -9.67
N GLN B 310 -10.40 8.81 -8.63
CA GLN B 310 -11.13 9.37 -7.50
C GLN B 310 -11.17 10.88 -7.49
N PHE B 311 -10.08 11.54 -7.89
CA PHE B 311 -10.10 12.99 -8.02
C PHE B 311 -9.15 13.39 -9.14
N PHE B 312 -9.18 14.68 -9.47
CA PHE B 312 -8.42 15.23 -10.58
C PHE B 312 -7.93 16.61 -10.22
N THR B 313 -6.88 17.04 -10.91
CA THR B 313 -6.45 18.43 -10.90
C THR B 313 -6.23 18.86 -12.35
N TYR B 314 -7.06 19.79 -12.82
CA TYR B 314 -6.85 20.40 -14.13
C TYR B 314 -5.99 21.65 -13.96
N THR B 315 -4.80 21.65 -14.58
CA THR B 315 -3.95 22.82 -14.60
C THR B 315 -4.14 23.58 -15.90
N PRO B 316 -4.72 24.78 -15.87
CA PRO B 316 -4.93 25.52 -17.12
C PRO B 316 -3.63 26.06 -17.69
N ALA B 317 -3.68 26.59 -18.91
CA ALA B 317 -2.46 27.01 -19.60
C ALA B 317 -2.27 28.53 -19.60
N GLN B 318 -2.20 29.14 -18.41
CA GLN B 318 -1.90 30.56 -18.28
C GLN B 318 -2.95 31.45 -18.95
N ALA B 319 -2.54 32.23 -19.95
CA ALA B 319 -3.45 33.16 -20.61
C ALA B 319 -4.25 32.55 -21.76
N SER B 320 -4.31 31.21 -21.91
CA SER B 320 -5.16 30.61 -22.98
C SER B 320 -4.63 31.03 -24.35
N CYS B 321 -3.33 31.35 -24.44
CA CYS B 321 -2.62 31.78 -25.63
C CYS B 321 -1.67 30.67 -26.06
N ASN B 322 -1.29 30.67 -27.33
CA ASN B 322 -0.50 29.52 -27.85
C ASN B 322 -1.36 28.28 -27.60
N GLU B 323 -0.83 27.28 -26.91
CA GLU B 323 -1.61 26.10 -26.51
C GLU B 323 -2.87 26.54 -25.76
N GLY B 324 -4.04 26.11 -26.24
CA GLY B 324 -5.31 26.46 -25.55
C GLY B 324 -5.71 25.33 -24.63
N LYS B 325 -5.33 24.10 -24.98
CA LYS B 325 -5.64 22.92 -24.17
C LYS B 325 -4.71 22.85 -22.96
N GLY B 326 -5.24 22.49 -21.80
CA GLY B 326 -4.46 22.33 -20.60
C GLY B 326 -4.33 20.87 -20.20
N LYS B 327 -3.72 20.66 -19.04
CA LYS B 327 -3.36 19.33 -18.59
C LYS B 327 -4.32 18.87 -17.50
N CYS B 328 -4.78 17.63 -17.61
CA CYS B 328 -5.78 17.05 -16.72
C CYS B 328 -5.16 15.85 -15.99
N TYR B 329 -4.55 16.10 -14.84
CA TYR B 329 -3.97 15.04 -14.03
C TYR B 329 -5.08 14.24 -13.36
N LEU B 330 -5.28 12.98 -13.77
CA LEU B 330 -6.25 12.10 -13.12
C LEU B 330 -5.55 11.33 -12.01
N LYS B 331 -6.15 11.31 -10.81
CA LYS B 331 -5.48 10.75 -9.64
C LYS B 331 -6.43 9.89 -8.82
N LEU B 332 -5.87 9.29 -7.76
CA LEU B 332 -6.55 8.38 -6.85
C LEU B 332 -5.69 8.25 -5.61
N SER B 333 -6.30 7.74 -4.54
CA SER B 333 -5.57 7.37 -3.34
C SER B 333 -6.26 6.17 -2.73
N SER B 334 -5.88 5.83 -1.50
CA SER B 334 -6.51 4.72 -0.80
CA SER B 334 -6.51 4.72 -0.79
C SER B 334 -7.86 5.09 -0.22
N ASN B 335 -8.13 6.38 -0.01
CA ASN B 335 -9.37 6.82 0.62
C ASN B 335 -10.43 7.27 -0.37
N GLY B 336 -10.04 7.62 -1.60
CA GLY B 336 -10.91 8.39 -2.45
C GLY B 336 -10.77 9.88 -2.23
N SER B 337 -9.85 10.30 -1.37
CA SER B 337 -9.61 11.68 -1.01
C SER B 337 -8.16 12.03 -1.22
N PRO B 338 -7.85 13.32 -1.38
CA PRO B 338 -6.44 13.74 -1.55
C PRO B 338 -5.54 13.26 -0.42
N THR B 339 -4.26 13.12 -0.74
CA THR B 339 -3.24 12.85 0.27
C THR B 339 -2.69 14.12 0.88
N LYS B 340 -2.80 15.24 0.18
CA LYS B 340 -2.39 16.56 0.60
C LYS B 340 -3.15 17.55 -0.25
N ILE B 341 -3.69 18.59 0.37
CA ILE B 341 -4.36 19.65 -0.35
C ILE B 341 -3.36 20.78 -0.53
N LEU B 342 -3.15 21.23 -1.77
CA LEU B 342 -2.19 22.28 -2.06
C LEU B 342 -2.91 23.54 -2.51
N HIS B 343 -2.55 24.67 -1.88
CA HIS B 343 -3.13 25.97 -2.18
C HIS B 343 -2.04 26.88 -2.76
N GLY B 344 -2.37 27.57 -3.83
CA GLY B 344 -1.49 28.58 -4.39
C GLY B 344 -0.73 28.14 -5.63
N ARG B 345 -1.03 26.97 -6.19
CA ARG B 345 -0.33 26.46 -7.36
C ARG B 345 -1.21 26.42 -8.60
N GLY B 346 -2.32 27.16 -8.62
CA GLY B 346 -3.10 27.38 -9.83
C GLY B 346 -3.69 26.14 -10.46
N GLY B 347 -4.43 25.35 -9.70
CA GLY B 347 -5.09 24.17 -10.22
C GLY B 347 -6.56 24.17 -9.86
N ILE B 348 -7.34 23.50 -10.70
CA ILE B 348 -8.77 23.32 -10.46
C ILE B 348 -9.02 21.84 -10.21
N SER B 349 -9.38 21.52 -8.97
CA SER B 349 -9.50 20.15 -8.50
C SER B 349 -10.96 19.76 -8.33
N GLY B 350 -11.20 18.46 -8.24
CA GLY B 350 -12.55 17.97 -8.02
C GLY B 350 -12.53 16.48 -7.77
N TYR B 351 -13.74 15.93 -7.61
CA TYR B 351 -13.93 14.55 -7.17
C TYR B 351 -14.64 13.79 -8.28
N THR B 352 -14.41 12.47 -8.33
CA THR B 352 -15.09 11.68 -9.35
C THR B 352 -16.59 11.71 -9.12
N LEU B 353 -17.35 11.78 -10.20
CA LEU B 353 -18.80 11.69 -10.14
C LEU B 353 -19.28 10.31 -10.59
N ARG B 354 -18.43 9.31 -10.40
CA ARG B 354 -18.74 7.95 -10.83
C ARG B 354 -19.95 7.39 -10.10
N LEU B 355 -20.18 7.84 -8.86
CA LEU B 355 -21.18 7.24 -7.99
C LEU B 355 -22.37 8.16 -7.78
N CYS B 356 -23.00 8.59 -8.86
CA CYS B 356 -24.10 9.55 -8.80
C CYS B 356 -25.33 9.02 -9.52
N ASP C 2 4.40 -9.99 -37.04
CA ASP C 2 4.47 -9.74 -38.49
C ASP C 2 3.32 -10.49 -39.17
N ASP C 3 2.61 -11.33 -38.40
CA ASP C 3 1.46 -12.10 -38.94
C ASP C 3 0.37 -12.16 -37.87
N ASP C 4 0.77 -12.19 -36.59
CA ASP C 4 -0.22 -12.29 -35.48
C ASP C 4 0.48 -12.06 -34.13
N TRP C 5 -0.14 -11.28 -33.25
CA TRP C 5 0.42 -11.06 -31.89
C TRP C 5 -0.78 -11.21 -30.94
N ILE C 6 -0.75 -12.24 -30.12
CA ILE C 6 -1.77 -12.34 -29.04
C ILE C 6 -0.96 -12.10 -27.79
N PRO C 7 -1.47 -11.39 -26.75
CA PRO C 7 -0.73 -11.23 -25.50
C PRO C 7 -0.74 -12.53 -24.67
N ASP C 8 0.25 -13.39 -24.88
CA ASP C 8 0.29 -14.68 -24.13
C ASP C 8 1.50 -14.80 -23.19
N ILE C 9 1.91 -13.67 -22.60
CA ILE C 9 2.96 -13.63 -21.55
C ILE C 9 2.25 -12.91 -20.41
N GLN C 10 1.96 -13.61 -19.31
CA GLN C 10 1.07 -13.07 -18.25
C GLN C 10 2.05 -12.77 -17.11
N ILE C 11 2.34 -11.49 -16.91
CA ILE C 11 3.31 -11.12 -15.83
C ILE C 11 2.82 -11.76 -14.53
N ASP C 12 3.70 -12.46 -13.82
CA ASP C 12 3.30 -13.17 -12.59
C ASP C 12 4.36 -13.11 -11.49
N PRO C 13 4.23 -12.22 -10.48
CA PRO C 13 5.28 -12.09 -9.45
C PRO C 13 5.15 -13.03 -8.24
N ASN C 14 6.07 -13.98 -8.11
CA ASN C 14 6.18 -14.88 -6.96
C ASN C 14 7.59 -15.46 -6.93
N GLY C 15 7.93 -16.36 -6.01
CA GLY C 15 9.34 -16.82 -5.94
C GLY C 15 9.87 -18.07 -6.62
N LEU C 16 11.18 -18.34 -6.50
CA LEU C 16 11.85 -19.53 -7.08
C LEU C 16 11.69 -20.66 -6.06
N SER C 17 11.26 -21.85 -6.52
CA SER C 17 11.10 -23.01 -5.61
C SER C 17 12.46 -23.63 -5.31
N PHE C 18 12.49 -24.66 -4.45
CA PHE C 18 13.78 -25.28 -4.06
C PHE C 18 13.53 -26.58 -3.32
N ASN C 19 14.58 -27.37 -3.10
CA ASN C 19 14.42 -28.58 -2.29
C ASN C 19 14.68 -28.27 -0.82
N PRO C 20 13.77 -28.63 0.08
CA PRO C 20 13.87 -28.19 1.48
C PRO C 20 15.07 -28.80 2.21
N ILE C 21 15.77 -27.95 2.97
CA ILE C 21 16.85 -28.36 3.85
C ILE C 21 16.52 -27.90 5.27
N SER C 22 16.75 -28.76 6.25
CA SER C 22 16.42 -28.47 7.64
C SER C 22 17.56 -27.76 8.36
N ASP C 23 17.21 -27.10 9.46
CA ASP C 23 18.13 -26.26 10.23
C ASP C 23 18.87 -27.09 11.28
N PHE C 24 19.68 -26.40 12.10
CA PHE C 24 20.36 -27.01 13.22
C PHE C 24 19.38 -27.06 14.40
N PRO C 25 19.41 -28.07 15.30
CA PRO C 25 18.35 -28.20 16.35
C PRO C 25 18.55 -27.51 17.70
N ASP C 26 19.79 -27.32 18.18
CA ASP C 26 20.20 -26.69 19.47
C ASP C 26 21.58 -27.21 19.85
N ASP D 12 -3.80 11.66 15.61
CA ASP D 12 -3.30 10.47 16.29
C ASP D 12 -4.42 9.43 16.50
N PRO D 13 -4.59 8.54 15.52
CA PRO D 13 -5.71 7.60 15.55
C PRO D 13 -5.43 6.31 16.32
N ASN D 14 -6.53 5.65 16.67
CA ASN D 14 -6.51 4.32 17.31
C ASN D 14 -7.87 3.67 17.11
N GLY D 15 -8.21 2.65 17.89
CA GLY D 15 -9.43 1.88 17.55
C GLY D 15 -10.69 1.93 18.39
N LEU D 16 -10.70 1.31 19.58
CA LEU D 16 -11.97 1.10 20.29
C LEU D 16 -11.70 0.76 21.75
N SER D 17 -12.73 0.92 22.62
CA SER D 17 -12.53 0.69 24.06
C SER D 17 -13.88 0.63 24.79
N PHE D 18 -14.31 -0.64 25.04
CA PHE D 18 -15.57 -0.95 25.77
C PHE D 18 -15.45 -2.47 26.05
N ASN D 19 -15.79 -2.92 27.26
CA ASN D 19 -15.70 -4.34 27.66
C ASN D 19 -16.73 -5.18 26.91
N PRO D 20 -16.37 -6.35 26.34
CA PRO D 20 -17.30 -7.13 25.55
C PRO D 20 -18.34 -7.98 26.28
N ILE D 21 -19.51 -8.10 25.67
CA ILE D 21 -20.56 -8.97 26.21
C ILE D 21 -20.46 -10.35 25.57
N SER D 22 -20.89 -11.35 26.33
CA SER D 22 -20.82 -12.75 25.87
C SER D 22 -21.65 -12.96 24.61
N ASP D 23 -21.11 -13.71 23.66
CA ASP D 23 -21.82 -14.02 22.43
C ASP D 23 -22.71 -15.25 22.64
N PHE D 24 -23.35 -15.65 21.53
CA PHE D 24 -24.25 -16.82 21.56
C PHE D 24 -23.45 -18.12 21.61
N PRO D 25 -23.69 -18.97 22.63
CA PRO D 25 -23.03 -20.26 22.82
C PRO D 25 -23.56 -21.32 21.88
C1 NAG E . 14.05 9.07 28.20
C2 NAG E . 14.65 10.30 28.86
C3 NAG E . 13.87 11.56 28.51
C4 NAG E . 13.09 11.37 27.22
C5 NAG E . 12.09 10.23 27.35
C6 NAG E . 11.72 9.68 25.98
C7 NAG E . 15.83 10.06 30.95
C8 NAG E . 15.78 10.50 32.37
N2 NAG E . 14.67 10.12 30.29
O3 NAG E . 14.78 12.65 28.37
O4 NAG E . 12.41 12.57 26.89
O5 NAG E . 12.62 9.16 28.16
O6 NAG E . 10.71 8.67 26.13
O7 NAG E . 16.86 9.66 30.42
C1 NAG F . 26.05 -27.55 -2.99
C2 NAG F . 26.54 -27.28 -4.39
C3 NAG F . 25.48 -27.67 -5.41
C4 NAG F . 24.94 -29.07 -5.11
C5 NAG F . 24.57 -29.22 -3.64
C6 NAG F . 24.10 -30.63 -3.33
C7 NAG F . 27.96 -25.34 -4.04
C8 NAG F . 28.27 -23.95 -4.49
N2 NAG F . 26.85 -25.87 -4.54
O3 NAG F . 26.03 -27.65 -6.72
O4 NAG F . 23.78 -29.32 -5.91
O5 NAG F . 25.71 -28.91 -2.84
O6 NAG F . 25.04 -31.56 -3.87
O7 NAG F . 28.68 -25.94 -3.25
S SO4 G . 2.56 9.96 0.65
O1 SO4 G . 3.33 10.78 -0.28
O2 SO4 G . 3.38 8.82 1.08
O3 SO4 G . 1.36 9.46 -0.02
O4 SO4 G . 2.18 10.75 1.81
S SO4 H . 26.15 -0.43 -17.56
O1 SO4 H . 27.15 -0.52 -16.50
O2 SO4 H . 26.55 -1.31 -18.66
O3 SO4 H . 26.07 0.94 -18.03
O4 SO4 H . 24.86 -0.86 -17.04
S SO4 I . 3.42 5.81 5.62
O1 SO4 I . 4.02 7.13 5.53
O2 SO4 I . 4.37 4.80 5.13
O3 SO4 I . 2.20 5.76 4.81
O4 SO4 I . 3.10 5.51 7.01
C1 NAG J . -28.34 -1.37 26.45
C2 NAG J . -29.84 -1.29 26.13
C3 NAG J . -30.49 -0.15 26.91
C4 NAG J . -29.97 -0.11 28.34
C5 NAG J . -28.45 -0.04 28.37
C6 NAG J . -27.87 -1.16 29.22
C7 NAG J . -30.24 0.05 24.13
C8 NAG J . -28.98 0.78 23.78
N2 NAG J . -30.08 -1.13 24.71
O3 NAG J . -31.91 -0.33 26.91
O4 NAG J . -30.52 1.03 29.00
O5 NAG J . -27.94 -0.13 27.04
O6 NAG J . -26.44 -1.13 29.16
O7 NAG J . -31.34 0.51 23.87
S SO4 K . -1.53 2.96 -9.44
O1 SO4 K . -0.51 1.94 -9.70
O2 SO4 K . -2.18 3.33 -10.69
O3 SO4 K . -0.91 4.13 -8.83
O4 SO4 K . -2.53 2.40 -8.52
S SO4 L . -25.29 18.31 3.52
O1 SO4 L . -25.26 18.02 2.11
O2 SO4 L . -24.13 17.76 4.15
O3 SO4 L . -26.47 17.73 4.11
O4 SO4 L . -25.31 19.73 3.72
S SO4 M . -15.61 11.75 -0.89
O1 SO4 M . -15.35 10.34 -1.17
O2 SO4 M . -16.02 12.42 -2.13
O3 SO4 M . -14.40 12.38 -0.37
O4 SO4 M . -16.67 11.87 0.09
#